data_8AQ9
#
_entry.id   8AQ9
#
loop_
_entity.id
_entity.type
_entity.pdbx_description
1 polymer Metallothionein-1
2 non-polymer 'ZINC ION'
#
_entity_poly.entity_id   1
_entity_poly.type   'polypeptide(L)'
_entity_poly.pdbx_seq_one_letter_code
;ACKCDCKNKQCKCGDKCECSGDKCCEKYCCEEASEKKCCPAGCKGDCKCANCHCAEQKQCGDKTHQHQGTAAAH
;
_entity_poly.pdbx_strand_id   A
#
loop_
_chem_comp.id
_chem_comp.type
_chem_comp.name
_chem_comp.formula
ZN non-polymer 'ZINC ION' 'Zn 2'
#
# COMPACT_ATOMS: atom_id res chain seq x y z
N GLU A 26 3.75 -3.06 8.32
CA GLU A 26 5.15 -2.72 8.54
C GLU A 26 5.82 -2.36 7.22
N LYS A 27 6.27 -1.11 7.15
CA LYS A 27 6.93 -0.61 5.95
C LYS A 27 6.13 -1.04 4.72
N TYR A 28 6.79 -0.96 3.57
CA TYR A 28 6.16 -1.33 2.30
C TYR A 28 5.72 -2.79 2.32
N CYS A 29 4.62 -3.07 1.62
CA CYS A 29 4.08 -4.42 1.56
C CYS A 29 3.91 -4.87 0.11
N CYS A 30 4.45 -4.09 -0.81
CA CYS A 30 4.36 -4.41 -2.23
C CYS A 30 5.67 -5.01 -2.74
N GLU A 31 5.58 -5.76 -3.82
CA GLU A 31 6.76 -6.40 -4.40
C GLU A 31 7.31 -5.54 -5.53
N GLU A 32 7.56 -4.28 -5.21
CA GLU A 32 8.09 -3.34 -6.19
C GLU A 32 8.32 -1.97 -5.55
N ALA A 33 7.40 -1.60 -4.67
CA ALA A 33 7.47 -0.33 -3.97
C ALA A 33 8.31 -0.45 -2.71
N SER A 34 9.49 -1.05 -2.84
CA SER A 34 10.38 -1.23 -1.69
C SER A 34 11.36 -0.07 -1.57
N GLU A 35 10.91 1.11 -1.98
CA GLU A 35 11.75 2.29 -1.90
C GLU A 35 10.91 3.56 -2.16
N LYS A 36 10.63 3.79 -3.44
CA LYS A 36 9.85 4.95 -3.83
C LYS A 36 9.16 4.66 -5.16
N LYS A 37 9.00 3.38 -5.45
CA LYS A 37 8.35 2.97 -6.68
C LYS A 37 6.88 3.38 -6.67
N CYS A 38 6.32 3.40 -5.46
CA CYS A 38 4.92 3.78 -5.27
C CYS A 38 4.77 4.70 -4.06
N CYS A 39 5.48 4.37 -2.98
CA CYS A 39 5.42 5.16 -1.75
C CYS A 39 6.80 5.33 -1.15
N PRO A 40 7.00 6.45 -0.43
CA PRO A 40 8.29 6.76 0.21
C PRO A 40 8.59 5.83 1.38
N ALA A 41 8.81 4.56 1.08
CA ALA A 41 9.11 3.57 2.11
C ALA A 41 7.97 3.46 3.11
N GLY A 42 7.21 2.36 3.02
CA GLY A 42 6.10 2.15 3.92
C GLY A 42 5.04 3.23 3.79
N CYS A 43 4.00 2.93 3.02
CA CYS A 43 2.92 3.88 2.81
C CYS A 43 2.63 4.67 4.08
N LYS A 44 3.02 5.94 4.08
CA LYS A 44 2.81 6.79 5.24
C LYS A 44 1.30 6.90 5.52
N GLY A 45 0.53 6.86 4.44
CA GLY A 45 -0.91 6.96 4.55
C GLY A 45 -1.57 7.45 3.28
N ASP A 46 -1.19 8.65 2.85
CA ASP A 46 -1.74 9.22 1.65
C ASP A 46 -0.85 8.90 0.46
N CYS A 47 -0.29 7.69 0.49
CA CYS A 47 0.59 7.22 -0.57
C CYS A 47 -0.15 7.12 -1.90
N LYS A 48 -1.38 6.63 -1.85
CA LYS A 48 -2.19 6.50 -3.05
C LYS A 48 -1.61 5.37 -3.91
N CYS A 49 -1.28 4.27 -3.24
CA CYS A 49 -0.73 3.10 -3.92
C CYS A 49 -1.62 2.66 -5.07
N ALA A 50 -1.09 1.78 -5.92
CA ALA A 50 -1.84 1.28 -7.06
C ALA A 50 -1.94 -0.24 -7.03
N ASN A 51 -0.92 -0.88 -6.46
CA ASN A 51 -0.90 -2.34 -6.37
C ASN A 51 -1.72 -2.82 -5.19
N CYS A 52 -1.64 -2.09 -4.07
CA CYS A 52 -2.37 -2.45 -2.87
C CYS A 52 -3.67 -1.65 -2.76
N HIS A 53 -3.81 -0.66 -3.64
CA HIS A 53 -5.01 0.18 -3.64
C HIS A 53 -5.12 0.89 -2.29
N CYS A 54 -4.16 1.78 -2.04
CA CYS A 54 -4.13 2.54 -0.80
C CYS A 54 -4.67 3.96 -1.02
N ALA A 55 -5.23 4.54 0.04
CA ALA A 55 -5.78 5.88 -0.03
C ALA A 55 -5.94 6.49 1.35
N GLU A 56 -4.95 7.29 1.76
CA GLU A 56 -5.00 7.92 3.07
C GLU A 56 -5.30 6.88 4.15
N GLN A 57 -4.49 5.82 4.15
CA GLN A 57 -4.64 4.74 5.13
C GLN A 57 -5.96 4.00 4.91
N LYS A 58 -6.04 3.27 3.81
CA LYS A 58 -7.25 2.52 3.50
C LYS A 58 -6.95 1.02 3.63
N GLN A 59 -8.03 0.24 3.59
CA GLN A 59 -7.92 -1.21 3.70
C GLN A 59 -8.31 -1.88 2.39
N CYS A 60 -9.05 -1.17 1.56
CA CYS A 60 -9.48 -1.70 0.26
C CYS A 60 -10.08 -3.10 0.42
N GLY A 61 -10.20 -3.81 -0.69
CA GLY A 61 -10.74 -5.16 -0.66
C GLY A 61 -12.26 -5.17 -0.60
N ASP A 62 -12.88 -4.52 -1.58
CA ASP A 62 -14.33 -4.46 -1.63
C ASP A 62 -14.90 -5.88 -1.56
N LYS A 63 -14.71 -6.60 -2.65
CA LYS A 63 -15.20 -7.98 -2.72
C LYS A 63 -14.01 -8.94 -2.61
N THR A 64 -13.38 -8.93 -1.45
CA THR A 64 -12.23 -9.78 -1.19
C THR A 64 -11.22 -9.71 -2.34
N HIS A 65 -10.43 -8.65 -2.34
CA HIS A 65 -9.43 -8.48 -3.38
C HIS A 65 -8.29 -9.48 -3.17
N GLN A 66 -7.26 -9.35 -4.01
CA GLN A 66 -6.10 -10.23 -3.94
C GLN A 66 -5.14 -9.76 -2.85
N HIS A 67 -5.49 -8.69 -2.16
CA HIS A 67 -4.66 -8.15 -1.10
C HIS A 67 -4.26 -9.24 -0.11
N GLN A 68 -2.97 -9.54 -0.06
CA GLN A 68 -2.46 -10.57 0.84
C GLN A 68 -1.57 -9.96 1.92
N GLY A 69 -2.15 -9.71 3.09
CA GLY A 69 -1.39 -9.13 4.18
C GLY A 69 -1.86 -9.60 5.53
ZN ZN B . 2.26 -0.21 0.92
ZN ZN C . -0.07 2.11 -0.01
ZN ZN D . -0.36 -0.67 1.09
ZN ZN E . -8.11 -3.19 -3.91
N GLU A 26 3.97 -4.00 7.53
CA GLU A 26 5.19 -3.25 7.80
C GLU A 26 5.72 -2.63 6.50
N LYS A 27 5.79 -1.30 6.51
CA LYS A 27 6.28 -0.57 5.35
C LYS A 27 5.62 -1.13 4.09
N TYR A 28 6.21 -0.79 2.95
CA TYR A 28 5.70 -1.24 1.66
C TYR A 28 5.57 -2.76 1.62
N CYS A 29 4.47 -3.23 1.05
CA CYS A 29 4.22 -4.67 0.95
C CYS A 29 4.07 -5.10 -0.50
N CYS A 30 4.55 -4.25 -1.42
CA CYS A 30 4.48 -4.55 -2.84
C CYS A 30 5.81 -5.07 -3.36
N GLU A 31 5.74 -5.84 -4.44
CA GLU A 31 6.96 -6.40 -5.02
C GLU A 31 7.45 -5.52 -6.18
N GLU A 32 7.66 -4.26 -5.85
CA GLU A 32 8.13 -3.30 -6.85
C GLU A 32 8.36 -1.93 -6.20
N ALA A 33 7.48 -1.60 -5.26
CA ALA A 33 7.56 -0.33 -4.55
C ALA A 33 8.51 -0.43 -3.35
N SER A 34 9.70 -0.98 -3.59
CA SER A 34 10.68 -1.14 -2.53
C SER A 34 11.63 0.06 -2.49
N GLU A 35 11.10 1.22 -2.86
CA GLU A 35 11.90 2.44 -2.86
C GLU A 35 11.01 3.66 -3.06
N LYS A 36 10.63 3.87 -4.31
CA LYS A 36 9.78 4.99 -4.66
C LYS A 36 8.99 4.67 -5.93
N LYS A 37 8.85 3.37 -6.19
CA LYS A 37 8.13 2.92 -7.37
C LYS A 37 6.65 3.30 -7.23
N CYS A 38 6.18 3.30 -5.99
CA CYS A 38 4.79 3.65 -5.70
C CYS A 38 4.70 4.52 -4.46
N CYS A 39 5.48 4.18 -3.44
CA CYS A 39 5.49 4.95 -2.19
C CYS A 39 6.88 4.98 -1.58
N PRO A 40 7.15 6.04 -0.79
CA PRO A 40 8.45 6.21 -0.13
C PRO A 40 8.69 5.19 0.97
N ALA A 41 9.87 5.24 1.56
CA ALA A 41 10.22 4.32 2.64
C ALA A 41 9.15 4.28 3.70
N GLY A 42 8.59 3.09 3.95
CA GLY A 42 7.54 2.95 4.94
C GLY A 42 6.32 3.78 4.62
N CYS A 43 5.31 3.13 4.05
CA CYS A 43 4.07 3.81 3.69
C CYS A 43 3.71 4.89 4.72
N LYS A 44 3.91 6.14 4.34
CA LYS A 44 3.62 7.25 5.24
C LYS A 44 2.11 7.29 5.51
N GLY A 45 1.35 6.89 4.50
CA GLY A 45 -0.10 6.88 4.62
C GLY A 45 -0.80 7.23 3.32
N ASP A 46 -0.39 8.34 2.71
CA ASP A 46 -0.98 8.77 1.46
C ASP A 46 -0.18 8.19 0.29
N CYS A 47 0.29 6.96 0.48
CA CYS A 47 1.07 6.27 -0.53
C CYS A 47 0.35 6.29 -1.88
N LYS A 48 -0.95 6.04 -1.85
CA LYS A 48 -1.74 6.03 -3.07
C LYS A 48 -1.35 4.82 -3.91
N CYS A 49 -1.11 3.71 -3.22
CA CYS A 49 -0.72 2.46 -3.88
C CYS A 49 -1.74 2.08 -4.95
N ALA A 50 -1.29 1.28 -5.91
CA ALA A 50 -2.17 0.84 -7.00
C ALA A 50 -2.32 -0.68 -6.99
N ASN A 51 -1.34 -1.37 -6.42
CA ASN A 51 -1.37 -2.82 -6.36
C ASN A 51 -2.10 -3.30 -5.10
N CYS A 52 -1.89 -2.58 -4.00
CA CYS A 52 -2.54 -2.93 -2.74
C CYS A 52 -3.78 -2.07 -2.51
N HIS A 53 -4.01 -1.11 -3.40
CA HIS A 53 -5.16 -0.25 -3.28
C HIS A 53 -5.11 0.49 -1.94
N CYS A 54 -4.17 1.41 -1.85
CA CYS A 54 -4.00 2.21 -0.64
C CYS A 54 -4.37 3.67 -0.88
N ALA A 55 -4.90 4.32 0.16
CA ALA A 55 -5.30 5.71 0.06
C ALA A 55 -5.37 6.37 1.43
N GLU A 56 -4.33 7.08 1.80
CA GLU A 56 -4.29 7.75 3.09
C GLU A 56 -4.64 6.75 4.21
N GLN A 57 -3.89 5.66 4.24
CA GLN A 57 -4.09 4.63 5.23
C GLN A 57 -5.43 3.91 5.03
N LYS A 58 -5.59 3.32 3.85
CA LYS A 58 -6.82 2.61 3.53
C LYS A 58 -6.49 1.35 2.75
N GLN A 59 -7.47 0.45 2.68
CA GLN A 59 -7.31 -0.81 1.96
C GLN A 59 -8.65 -1.30 1.42
N CYS A 60 -8.61 -1.89 0.23
CA CYS A 60 -9.82 -2.41 -0.40
C CYS A 60 -10.53 -3.41 0.51
N GLY A 61 -9.86 -4.52 0.80
CA GLY A 61 -10.45 -5.54 1.65
C GLY A 61 -11.84 -5.94 1.21
N ASP A 62 -12.10 -5.83 -0.08
CA ASP A 62 -13.40 -6.19 -0.63
C ASP A 62 -13.57 -7.71 -0.55
N LYS A 63 -12.46 -8.39 -0.28
CA LYS A 63 -12.48 -9.83 -0.17
C LYS A 63 -12.75 -10.44 -1.56
N THR A 64 -11.84 -10.17 -2.48
CA THR A 64 -11.94 -10.66 -3.84
C THR A 64 -10.60 -10.61 -4.56
N HIS A 65 -9.92 -9.49 -4.43
CA HIS A 65 -8.63 -9.31 -5.08
C HIS A 65 -7.55 -10.05 -4.27
N GLN A 66 -6.30 -9.78 -4.64
CA GLN A 66 -5.17 -10.41 -3.97
C GLN A 66 -4.78 -9.62 -2.71
N HIS A 67 -5.74 -9.40 -1.84
CA HIS A 67 -5.50 -8.67 -0.60
C HIS A 67 -5.29 -9.62 0.57
N GLN A 68 -4.26 -10.45 0.47
CA GLN A 68 -3.95 -11.41 1.52
C GLN A 68 -3.78 -10.71 2.87
N GLY A 69 -3.27 -9.50 2.84
CA GLY A 69 -3.06 -8.74 4.06
C GLY A 69 -4.04 -7.59 4.20
ZN ZN B . 1.46 0.16 3.13
ZN ZN C . 1.18 2.00 0.28
ZN ZN D . 0.46 -0.95 0.31
ZN ZN E . -9.02 -4.04 -4.18
N GLU A 26 8.59 -3.08 8.22
CA GLU A 26 9.80 -2.64 7.53
C GLU A 26 9.45 -1.58 6.48
N LYS A 27 10.47 -1.17 5.73
CA LYS A 27 10.29 -0.17 4.70
C LYS A 27 9.28 -0.68 3.67
N TYR A 28 9.26 -0.01 2.53
CA TYR A 28 8.35 -0.38 1.44
C TYR A 28 8.32 -1.88 1.24
N CYS A 29 7.11 -2.44 1.16
CA CYS A 29 6.95 -3.87 0.98
C CYS A 29 6.31 -4.17 -0.37
N CYS A 30 6.36 -3.19 -1.27
CA CYS A 30 5.79 -3.35 -2.61
C CYS A 30 6.88 -3.52 -3.64
N GLU A 31 6.54 -4.16 -4.76
CA GLU A 31 7.51 -4.39 -5.82
C GLU A 31 7.38 -3.31 -6.89
N GLU A 32 7.44 -2.07 -6.44
CA GLU A 32 7.33 -0.94 -7.36
C GLU A 32 7.49 0.38 -6.58
N ALA A 33 6.93 0.39 -5.37
CA ALA A 33 6.99 1.56 -4.52
C ALA A 33 8.28 1.57 -3.69
N SER A 34 9.40 1.35 -4.34
CA SER A 34 10.69 1.32 -3.67
C SER A 34 11.31 2.72 -3.63
N GLU A 35 10.47 3.73 -3.45
CA GLU A 35 10.95 5.10 -3.40
C GLU A 35 9.78 6.05 -3.17
N LYS A 36 9.02 6.29 -4.23
CA LYS A 36 7.87 7.17 -4.14
C LYS A 36 6.90 6.84 -5.27
N LYS A 37 6.97 5.60 -5.74
CA LYS A 37 6.10 5.15 -6.81
C LYS A 37 4.65 5.13 -6.32
N CYS A 38 4.50 4.85 -5.03
CA CYS A 38 3.18 4.79 -4.41
C CYS A 38 3.22 5.38 -3.00
N CYS A 39 4.27 5.06 -2.27
CA CYS A 39 4.42 5.56 -0.90
C CYS A 39 5.89 5.57 -0.48
N PRO A 40 6.21 6.39 0.52
CA PRO A 40 7.58 6.52 1.04
C PRO A 40 8.03 5.27 1.79
N ALA A 41 9.28 5.26 2.24
CA ALA A 41 9.82 4.13 2.97
C ALA A 41 8.92 3.75 4.14
N GLY A 42 8.50 2.48 4.17
CA GLY A 42 7.63 2.02 5.24
C GLY A 42 6.31 2.75 5.27
N CYS A 43 5.27 2.10 4.74
CA CYS A 43 3.94 2.69 4.70
C CYS A 43 3.68 3.51 5.96
N LYS A 44 3.69 4.83 5.81
CA LYS A 44 3.45 5.71 6.95
C LYS A 44 1.99 5.61 7.37
N GLY A 45 1.13 5.44 6.37
CA GLY A 45 -0.30 5.32 6.64
C GLY A 45 -1.14 5.88 5.51
N ASP A 46 -0.85 7.11 5.10
CA ASP A 46 -1.60 7.75 4.03
C ASP A 46 -0.93 7.43 2.69
N CYS A 47 -0.43 6.20 2.59
CA CYS A 47 0.24 5.76 1.38
C CYS A 47 -0.61 6.03 0.14
N LYS A 48 -1.87 5.63 0.21
CA LYS A 48 -2.78 5.84 -0.90
C LYS A 48 -2.37 4.93 -2.07
N CYS A 49 -1.78 3.80 -1.72
CA CYS A 49 -1.33 2.83 -2.71
C CYS A 49 -2.47 2.41 -3.62
N ALA A 50 -2.13 1.90 -4.80
CA ALA A 50 -3.12 1.46 -5.76
C ALA A 50 -3.02 -0.04 -6.03
N ASN A 51 -1.86 -0.61 -5.70
CA ASN A 51 -1.62 -2.03 -5.91
C ASN A 51 -2.16 -2.85 -4.74
N CYS A 52 -1.98 -2.32 -3.52
CA CYS A 52 -2.45 -3.00 -2.32
C CYS A 52 -3.74 -2.38 -1.81
N HIS A 53 -4.17 -1.31 -2.47
CA HIS A 53 -5.39 -0.63 -2.07
C HIS A 53 -5.24 -0.08 -0.65
N CYS A 54 -4.29 0.84 -0.50
CA CYS A 54 -4.02 1.46 0.80
C CYS A 54 -4.63 2.85 0.88
N ALA A 55 -4.99 3.27 2.08
CA ALA A 55 -5.59 4.58 2.29
C ALA A 55 -5.68 4.91 3.78
N GLU A 56 -4.71 5.68 4.27
CA GLU A 56 -4.70 6.07 5.67
C GLU A 56 -4.87 4.82 6.55
N GLN A 57 -3.97 3.86 6.35
CA GLN A 57 -4.00 2.62 7.12
C GLN A 57 -5.24 1.80 6.78
N LYS A 58 -5.28 1.29 5.55
CA LYS A 58 -6.41 0.49 5.12
C LYS A 58 -5.92 -0.91 4.72
N GLN A 59 -6.88 -1.78 4.42
CA GLN A 59 -6.58 -3.14 4.02
C GLN A 59 -7.03 -3.41 2.59
N CYS A 60 -7.93 -2.57 2.09
CA CYS A 60 -8.44 -2.71 0.74
C CYS A 60 -9.46 -1.63 0.43
N GLY A 61 -9.69 -1.38 -0.86
CA GLY A 61 -10.64 -0.36 -1.27
C GLY A 61 -12.04 -0.92 -1.44
N ASP A 62 -12.13 -2.13 -1.97
CA ASP A 62 -13.43 -2.75 -2.19
C ASP A 62 -13.96 -3.28 -0.85
N LYS A 63 -13.29 -4.30 -0.34
CA LYS A 63 -13.69 -4.90 0.92
C LYS A 63 -12.65 -5.95 1.32
N THR A 64 -12.44 -6.91 0.42
CA THR A 64 -11.49 -7.98 0.66
C THR A 64 -11.22 -8.77 -0.62
N HIS A 65 -10.11 -8.47 -1.28
CA HIS A 65 -9.77 -9.17 -2.51
C HIS A 65 -8.76 -10.29 -2.20
N GLN A 66 -7.51 -9.89 -2.06
CA GLN A 66 -6.44 -10.83 -1.77
C GLN A 66 -5.24 -10.12 -1.14
N HIS A 67 -5.50 -8.97 -0.52
CA HIS A 67 -4.45 -8.19 0.13
C HIS A 67 -4.03 -8.84 1.44
N GLN A 68 -3.31 -9.94 1.36
CA GLN A 68 -2.85 -10.65 2.54
C GLN A 68 -1.57 -10.02 3.10
N GLY A 69 -1.44 -10.03 4.43
CA GLY A 69 -0.27 -9.47 5.06
C GLY A 69 0.75 -10.52 5.44
ZN ZN B . 1.75 -0.74 3.41
ZN ZN C . 1.64 1.87 1.57
ZN ZN D . 0.33 -0.97 1.34
ZN ZN E . -8.99 -4.68 -3.07
N GLU A 26 6.96 -6.13 7.83
CA GLU A 26 8.05 -5.19 7.99
C GLU A 26 8.12 -4.25 6.79
N LYS A 27 8.13 -2.96 7.08
CA LYS A 27 8.19 -1.95 6.04
C LYS A 27 7.22 -2.32 4.92
N TYR A 28 7.47 -1.73 3.75
CA TYR A 28 6.62 -1.98 2.58
C TYR A 28 6.45 -3.48 2.35
N CYS A 29 5.23 -3.87 2.02
CA CYS A 29 4.93 -5.28 1.77
C CYS A 29 4.51 -5.49 0.32
N CYS A 30 4.75 -4.49 -0.52
CA CYS A 30 4.39 -4.57 -1.93
C CYS A 30 5.59 -5.00 -2.76
N GLU A 31 5.31 -5.60 -3.91
CA GLU A 31 6.38 -6.06 -4.79
C GLU A 31 6.69 -4.99 -5.84
N GLU A 32 6.30 -3.77 -5.53
CA GLU A 32 6.53 -2.65 -6.43
C GLU A 32 6.50 -1.33 -5.66
N ALA A 33 6.79 -1.42 -4.37
CA ALA A 33 6.81 -0.25 -3.50
C ALA A 33 8.05 -0.24 -2.62
N SER A 34 9.18 -0.66 -3.19
CA SER A 34 10.44 -0.70 -2.45
C SER A 34 11.20 0.62 -2.60
N GLU A 35 10.47 1.70 -2.83
CA GLU A 35 11.07 2.99 -3.00
C GLU A 35 10.04 4.10 -2.81
N LYS A 36 9.31 4.39 -3.88
CA LYS A 36 8.28 5.41 -3.84
C LYS A 36 7.36 5.25 -5.05
N LYS A 37 7.28 4.01 -5.52
CA LYS A 37 6.43 3.70 -6.67
C LYS A 37 4.96 3.81 -6.26
N CYS A 38 4.70 3.44 -5.01
CA CYS A 38 3.35 3.48 -4.47
C CYS A 38 3.33 4.16 -3.10
N CYS A 39 4.34 3.88 -2.29
CA CYS A 39 4.43 4.46 -0.96
C CYS A 39 5.88 4.45 -0.46
N PRO A 40 6.18 5.34 0.50
CA PRO A 40 7.52 5.45 1.08
C PRO A 40 7.89 4.25 1.92
N ALA A 41 9.11 4.26 2.47
CA ALA A 41 9.59 3.16 3.30
C ALA A 41 8.57 2.83 4.40
N GLY A 42 8.07 1.61 4.37
CA GLY A 42 7.09 1.19 5.37
C GLY A 42 5.80 1.99 5.29
N CYS A 43 4.80 1.42 4.63
CA CYS A 43 3.50 2.09 4.49
C CYS A 43 3.15 2.86 5.76
N LYS A 44 3.24 4.18 5.68
CA LYS A 44 2.92 5.02 6.83
C LYS A 44 1.42 5.00 7.08
N GLY A 45 0.67 4.83 5.99
CA GLY A 45 -0.78 4.79 6.08
C GLY A 45 -1.46 5.56 4.96
N ASP A 46 -0.91 6.73 4.64
CA ASP A 46 -1.48 7.55 3.59
C ASP A 46 -0.78 7.23 2.26
N CYS A 47 -0.45 5.95 2.09
CA CYS A 47 0.22 5.50 0.89
C CYS A 47 -0.51 5.96 -0.36
N LYS A 48 -1.82 5.72 -0.39
CA LYS A 48 -2.62 6.12 -1.54
C LYS A 48 -2.24 5.26 -2.75
N CYS A 49 -1.79 4.05 -2.46
CA CYS A 49 -1.38 3.11 -3.50
C CYS A 49 -2.60 2.50 -4.19
N ALA A 50 -2.39 1.92 -5.36
CA ALA A 50 -3.46 1.29 -6.12
C ALA A 50 -3.17 -0.17 -6.38
N ASN A 51 -1.97 -0.61 -6.02
CA ASN A 51 -1.57 -2.00 -6.22
C ASN A 51 -2.11 -2.88 -5.10
N CYS A 52 -2.09 -2.36 -3.88
CA CYS A 52 -2.57 -3.11 -2.72
C CYS A 52 -3.90 -2.54 -2.23
N HIS A 53 -4.36 -1.48 -2.88
CA HIS A 53 -5.61 -0.85 -2.50
C HIS A 53 -5.49 -0.28 -1.08
N CYS A 54 -4.84 0.88 -1.00
CA CYS A 54 -4.64 1.55 0.28
C CYS A 54 -5.01 3.04 0.17
N ALA A 55 -5.34 3.63 1.31
CA ALA A 55 -5.72 5.04 1.35
C ALA A 55 -5.89 5.53 2.78
N GLU A 56 -4.83 6.09 3.35
CA GLU A 56 -4.88 6.57 4.71
C GLU A 56 -5.43 5.50 5.65
N GLN A 57 -4.82 4.32 5.56
CA GLN A 57 -5.22 3.19 6.39
C GLN A 57 -6.63 2.73 6.02
N LYS A 58 -6.77 2.17 4.82
CA LYS A 58 -8.06 1.69 4.37
C LYS A 58 -7.95 0.20 4.03
N GLN A 59 -9.12 -0.41 3.82
CA GLN A 59 -9.18 -1.82 3.48
C GLN A 59 -9.03 -2.04 1.98
N CYS A 60 -8.96 -3.30 1.56
CA CYS A 60 -8.82 -3.64 0.15
C CYS A 60 -10.01 -3.13 -0.66
N GLY A 61 -9.79 -2.94 -1.96
CA GLY A 61 -10.85 -2.46 -2.82
C GLY A 61 -12.13 -3.26 -2.68
N ASP A 62 -12.15 -4.43 -3.32
CA ASP A 62 -13.32 -5.29 -3.25
C ASP A 62 -13.54 -5.75 -1.82
N LYS A 63 -12.68 -6.67 -1.39
CA LYS A 63 -12.77 -7.21 -0.05
C LYS A 63 -11.61 -8.18 0.19
N THR A 64 -11.50 -9.15 -0.71
CA THR A 64 -10.46 -10.16 -0.63
C THR A 64 -9.84 -10.43 -2.00
N HIS A 65 -8.83 -9.65 -2.35
CA HIS A 65 -8.17 -9.82 -3.63
C HIS A 65 -6.84 -10.57 -3.44
N GLN A 66 -6.72 -11.18 -2.27
CA GLN A 66 -5.52 -11.94 -1.93
C GLN A 66 -4.30 -11.02 -1.87
N HIS A 67 -4.53 -9.75 -1.59
CA HIS A 67 -3.46 -8.77 -1.49
C HIS A 67 -2.34 -9.27 -0.58
N GLN A 68 -1.24 -9.73 -1.18
CA GLN A 68 -0.10 -10.24 -0.42
C GLN A 68 0.35 -9.22 0.62
N GLY A 69 0.28 -7.94 0.26
CA GLY A 69 0.69 -6.89 1.18
C GLY A 69 0.05 -5.55 0.85
ZN ZN B . 2.55 -1.76 2.42
ZN ZN C . 1.30 1.29 1.09
ZN ZN D . 0.39 -1.96 0.33
ZN ZN E . -8.53 -5.44 -3.74
N GLU A 26 6.15 -2.89 9.15
CA GLU A 26 7.53 -2.46 9.09
C GLU A 26 7.88 -1.93 7.69
N LYS A 27 8.01 -0.61 7.62
CA LYS A 27 8.33 0.03 6.35
C LYS A 27 7.43 -0.54 5.26
N TYR A 28 7.83 -0.30 4.01
CA TYR A 28 7.08 -0.77 2.86
C TYR A 28 6.77 -2.26 2.98
N CYS A 29 5.61 -2.65 2.49
CA CYS A 29 5.18 -4.05 2.54
C CYS A 29 4.88 -4.58 1.15
N CYS A 30 5.25 -3.81 0.13
CA CYS A 30 5.02 -4.20 -1.26
C CYS A 30 6.29 -4.75 -1.89
N GLU A 31 6.13 -5.59 -2.90
CA GLU A 31 7.28 -6.17 -3.58
C GLU A 31 7.62 -5.35 -4.82
N GLU A 32 7.79 -4.05 -4.61
CA GLU A 32 8.13 -3.16 -5.71
C GLU A 32 8.29 -1.72 -5.19
N ALA A 33 7.45 -1.38 -4.21
CA ALA A 33 7.47 -0.06 -3.62
C ALA A 33 8.47 0.01 -2.46
N SER A 34 9.68 -0.50 -2.70
CA SER A 34 10.72 -0.51 -1.69
C SER A 34 11.56 0.76 -1.76
N GLU A 35 10.91 1.87 -2.10
CA GLU A 35 11.61 3.14 -2.21
C GLU A 35 10.61 4.30 -2.29
N LYS A 36 10.07 4.47 -3.49
CA LYS A 36 9.11 5.53 -3.74
C LYS A 36 8.24 5.17 -4.94
N LYS A 37 8.17 3.86 -5.20
CA LYS A 37 7.38 3.37 -6.32
C LYS A 37 5.89 3.56 -6.01
N CYS A 38 5.56 3.46 -4.73
CA CYS A 38 4.19 3.62 -4.28
C CYS A 38 4.11 4.54 -3.07
N CYS A 39 5.06 4.39 -2.15
CA CYS A 39 5.10 5.20 -0.95
C CYS A 39 6.53 5.63 -0.63
N PRO A 40 6.67 6.84 -0.06
CA PRO A 40 7.98 7.40 0.30
C PRO A 40 8.62 6.66 1.47
N ALA A 41 8.94 5.39 1.25
CA ALA A 41 9.57 4.56 2.29
C ALA A 41 8.64 4.40 3.49
N GLY A 42 8.16 3.18 3.69
CA GLY A 42 7.27 2.91 4.81
C GLY A 42 5.99 3.72 4.74
N CYS A 43 4.93 3.11 4.21
CA CYS A 43 3.65 3.79 4.09
C CYS A 43 3.39 4.69 5.29
N LYS A 44 3.48 6.00 5.07
CA LYS A 44 3.25 6.95 6.14
C LYS A 44 1.78 6.87 6.59
N GLY A 45 0.90 6.75 5.60
CA GLY A 45 -0.51 6.67 5.87
C GLY A 45 -1.37 7.09 4.69
N ASP A 46 -1.15 8.30 4.22
CA ASP A 46 -1.91 8.81 3.08
C ASP A 46 -1.15 8.49 1.79
N CYS A 47 -0.56 7.31 1.76
CA CYS A 47 0.21 6.86 0.60
C CYS A 47 -0.62 7.00 -0.68
N LYS A 48 -1.86 6.53 -0.62
CA LYS A 48 -2.74 6.61 -1.78
C LYS A 48 -2.23 5.66 -2.87
N CYS A 49 -1.61 4.57 -2.42
CA CYS A 49 -1.08 3.56 -3.32
C CYS A 49 -2.19 2.98 -4.20
N ALA A 50 -1.78 2.36 -5.30
CA ALA A 50 -2.73 1.76 -6.23
C ALA A 50 -2.52 0.26 -6.34
N ASN A 51 -1.33 -0.20 -5.97
CA ASN A 51 -0.99 -1.62 -6.02
C ASN A 51 -1.45 -2.33 -4.75
N CYS A 52 -1.29 -1.67 -3.61
CA CYS A 52 -1.69 -2.24 -2.33
C CYS A 52 -3.04 -1.69 -1.90
N HIS A 53 -3.57 -0.75 -2.67
CA HIS A 53 -4.87 -0.17 -2.34
C HIS A 53 -4.79 0.51 -0.96
N CYS A 54 -3.95 1.54 -0.90
CA CYS A 54 -3.77 2.28 0.35
C CYS A 54 -4.57 3.59 0.32
N ALA A 55 -4.99 4.04 1.49
CA ALA A 55 -5.76 5.27 1.60
C ALA A 55 -5.85 5.73 3.06
N GLU A 56 -4.92 6.59 3.46
CA GLU A 56 -4.91 7.10 4.82
C GLU A 56 -4.98 5.94 5.81
N GLN A 57 -4.08 4.99 5.64
CA GLN A 57 -4.03 3.82 6.52
C GLN A 57 -5.24 2.91 6.28
N LYS A 58 -5.28 2.29 5.12
CA LYS A 58 -6.39 1.40 4.79
C LYS A 58 -5.85 -0.03 4.59
N GLN A 59 -6.76 -0.92 4.23
CA GLN A 59 -6.41 -2.31 4.00
C GLN A 59 -6.68 -2.73 2.56
N CYS A 60 -7.60 -2.01 1.92
CA CYS A 60 -7.96 -2.30 0.53
C CYS A 60 -9.07 -1.38 0.05
N GLY A 61 -9.18 -1.22 -1.27
CA GLY A 61 -10.20 -0.37 -1.83
C GLY A 61 -11.54 -1.07 -1.98
N ASP A 62 -11.50 -2.31 -2.44
CA ASP A 62 -12.71 -3.08 -2.62
C ASP A 62 -13.20 -3.58 -1.26
N LYS A 63 -12.32 -3.47 -0.28
CA LYS A 63 -12.66 -3.91 1.07
C LYS A 63 -12.83 -5.44 1.07
N THR A 64 -12.19 -6.07 0.10
CA THR A 64 -12.26 -7.53 -0.02
C THR A 64 -11.43 -8.02 -1.21
N HIS A 65 -10.20 -8.44 -0.94
CA HIS A 65 -9.33 -8.92 -1.99
C HIS A 65 -8.41 -10.02 -1.43
N GLN A 66 -7.47 -10.44 -2.26
CA GLN A 66 -6.53 -11.48 -1.88
C GLN A 66 -5.23 -10.87 -1.36
N HIS A 67 -5.32 -9.63 -0.86
CA HIS A 67 -4.16 -8.94 -0.33
C HIS A 67 -3.44 -9.80 0.71
N GLN A 68 -4.19 -10.33 1.66
CA GLN A 68 -3.62 -11.17 2.71
C GLN A 68 -2.49 -10.45 3.43
N GLY A 69 -2.83 -9.69 4.47
CA GLY A 69 -1.83 -8.96 5.22
C GLY A 69 -1.63 -7.55 4.70
ZN ZN B . 2.80 0.36 2.15
ZN ZN C . 2.35 3.37 0.95
ZN ZN D . 0.43 0.76 1.26
ZN ZN E . -8.09 -4.63 -3.10
N GLU A 26 3.65 -0.78 10.71
CA GLU A 26 5.06 -0.92 10.36
C GLU A 26 5.34 -0.25 9.01
N LYS A 27 6.58 -0.39 8.57
CA LYS A 27 6.99 0.20 7.31
C LYS A 27 6.15 -0.40 6.17
N TYR A 28 6.63 -0.21 4.95
CA TYR A 28 5.94 -0.71 3.77
C TYR A 28 5.45 -2.14 3.99
N CYS A 29 4.19 -2.37 3.67
CA CYS A 29 3.60 -3.71 3.83
C CYS A 29 3.22 -4.30 2.47
N CYS A 30 3.79 -3.74 1.42
CA CYS A 30 3.51 -4.21 0.06
C CYS A 30 4.70 -4.97 -0.50
N GLU A 31 4.44 -5.85 -1.46
CA GLU A 31 5.50 -6.63 -2.07
C GLU A 31 5.98 -5.97 -3.37
N GLU A 32 6.35 -4.70 -3.24
CA GLU A 32 6.83 -3.95 -4.39
C GLU A 32 7.24 -2.54 -3.95
N ALA A 33 6.48 -1.99 -3.02
CA ALA A 33 6.74 -0.65 -2.51
C ALA A 33 7.73 -0.69 -1.35
N SER A 34 8.83 -1.41 -1.55
CA SER A 34 9.86 -1.54 -0.52
C SER A 34 10.91 -0.45 -0.67
N GLU A 35 10.49 0.72 -1.13
CA GLU A 35 11.41 1.83 -1.32
C GLU A 35 10.64 3.11 -1.63
N LYS A 36 10.19 3.22 -2.87
CA LYS A 36 9.45 4.38 -3.31
C LYS A 36 8.57 4.00 -4.50
N LYS A 37 8.27 2.72 -4.59
CA LYS A 37 7.45 2.21 -5.68
C LYS A 37 6.02 2.74 -5.52
N CYS A 38 5.63 2.94 -4.27
CA CYS A 38 4.30 3.44 -3.95
C CYS A 38 4.37 4.52 -2.87
N CYS A 39 5.21 4.29 -1.86
CA CYS A 39 5.36 5.24 -0.77
C CYS A 39 6.83 5.44 -0.43
N PRO A 40 7.19 6.67 -0.04
CA PRO A 40 8.56 7.02 0.32
C PRO A 40 9.00 6.37 1.63
N ALA A 41 9.17 5.04 1.61
CA ALA A 41 9.59 4.31 2.80
C ALA A 41 8.54 4.39 3.89
N GLY A 42 7.95 3.24 4.24
CA GLY A 42 6.94 3.20 5.28
C GLY A 42 5.74 4.07 4.94
N CYS A 43 4.70 3.45 4.40
CA CYS A 43 3.48 4.18 4.03
C CYS A 43 3.18 5.28 5.04
N LYS A 44 3.40 6.53 4.64
CA LYS A 44 3.15 7.66 5.51
C LYS A 44 1.64 7.75 5.78
N GLY A 45 0.86 7.43 4.76
CA GLY A 45 -0.58 7.48 4.89
C GLY A 45 -1.26 7.85 3.58
N ASP A 46 -0.80 8.93 2.96
CA ASP A 46 -1.38 9.38 1.71
C ASP A 46 -0.60 8.77 0.55
N CYS A 47 -0.19 7.52 0.74
CA CYS A 47 0.56 6.79 -0.28
C CYS A 47 -0.22 6.71 -1.59
N LYS A 48 -1.49 6.36 -1.49
CA LYS A 48 -2.33 6.25 -2.66
C LYS A 48 -1.90 5.04 -3.49
N CYS A 49 -1.42 4.02 -2.78
CA CYS A 49 -0.96 2.79 -3.42
C CYS A 49 -2.05 2.20 -4.31
N ALA A 50 -1.66 1.25 -5.16
CA ALA A 50 -2.61 0.60 -6.06
C ALA A 50 -2.64 -0.90 -5.83
N ASN A 51 -1.53 -1.44 -5.35
CA ASN A 51 -1.44 -2.88 -5.08
C ASN A 51 -1.99 -3.22 -3.70
N CYS A 52 -1.73 -2.34 -2.74
CA CYS A 52 -2.21 -2.54 -1.37
C CYS A 52 -3.51 -1.78 -1.13
N HIS A 53 -3.92 -1.00 -2.12
CA HIS A 53 -5.14 -0.23 -1.99
C HIS A 53 -5.03 0.72 -0.79
N CYS A 54 -4.18 1.72 -0.94
CA CYS A 54 -3.96 2.71 0.11
C CYS A 54 -4.57 4.06 -0.27
N ALA A 55 -4.98 4.82 0.73
CA ALA A 55 -5.57 6.13 0.49
C ALA A 55 -5.71 6.92 1.80
N GLU A 56 -4.70 7.70 2.13
CA GLU A 56 -4.72 8.48 3.35
C GLU A 56 -5.07 7.60 4.55
N GLN A 57 -4.33 6.51 4.67
CA GLN A 57 -4.54 5.57 5.77
C GLN A 57 -5.87 4.83 5.60
N LYS A 58 -5.94 3.99 4.58
CA LYS A 58 -7.16 3.23 4.32
C LYS A 58 -6.86 1.74 4.42
N GLN A 59 -7.92 0.95 4.40
CA GLN A 59 -7.81 -0.50 4.49
C GLN A 59 -8.68 -1.19 3.44
N CYS A 60 -8.73 -2.51 3.49
CA CYS A 60 -9.53 -3.29 2.54
C CYS A 60 -9.81 -4.68 3.08
N GLY A 61 -8.83 -5.57 2.96
CA GLY A 61 -9.00 -6.93 3.43
C GLY A 61 -10.31 -7.55 2.98
N ASP A 62 -10.82 -7.07 1.85
CA ASP A 62 -12.08 -7.60 1.33
C ASP A 62 -11.78 -8.78 0.41
N LYS A 63 -12.59 -9.82 0.56
CA LYS A 63 -12.42 -11.01 -0.25
C LYS A 63 -12.59 -10.66 -1.73
N THR A 64 -13.33 -9.57 -1.97
CA THR A 64 -13.60 -9.10 -3.32
C THR A 64 -12.30 -8.98 -4.12
N HIS A 65 -11.20 -8.71 -3.42
CA HIS A 65 -9.92 -8.57 -4.07
C HIS A 65 -9.10 -9.84 -3.87
N GLN A 66 -7.85 -9.78 -4.29
CA GLN A 66 -6.93 -10.91 -4.18
C GLN A 66 -6.07 -10.79 -2.93
N HIS A 67 -6.53 -10.00 -1.97
CA HIS A 67 -5.78 -9.79 -0.73
C HIS A 67 -5.51 -11.12 -0.03
N GLN A 68 -4.26 -11.56 -0.05
CA GLN A 68 -3.87 -12.81 0.58
C GLN A 68 -2.46 -12.72 1.16
N GLY A 69 -2.37 -12.89 2.47
CA GLY A 69 -1.07 -12.83 3.14
C GLY A 69 -0.83 -11.48 3.78
ZN ZN B . 3.54 1.32 2.54
ZN ZN C . 0.38 3.26 1.71
ZN ZN D . 0.81 0.83 0.33
ZN ZN E . -8.63 -3.86 -1.55
N GLU A 26 4.09 0.21 9.61
CA GLU A 26 5.49 0.05 9.29
C GLU A 26 5.80 0.63 7.92
N LYS A 27 7.05 0.46 7.50
CA LYS A 27 7.48 0.98 6.22
C LYS A 27 6.65 0.32 5.10
N TYR A 28 7.16 0.45 3.88
CA TYR A 28 6.48 -0.11 2.72
C TYR A 28 5.98 -1.52 3.01
N CYS A 29 4.71 -1.77 2.69
CA CYS A 29 4.11 -3.09 2.92
C CYS A 29 3.77 -3.76 1.60
N CYS A 30 4.38 -3.28 0.52
CA CYS A 30 4.13 -3.83 -0.81
C CYS A 30 5.34 -4.65 -1.29
N GLU A 31 5.09 -5.59 -2.19
CA GLU A 31 6.15 -6.42 -2.71
C GLU A 31 6.66 -5.85 -4.04
N GLU A 32 7.04 -4.59 -4.00
CA GLU A 32 7.54 -3.92 -5.19
C GLU A 32 7.93 -2.47 -4.87
N ALA A 33 7.13 -1.87 -3.99
CA ALA A 33 7.37 -0.49 -3.58
C ALA A 33 8.34 -0.42 -2.40
N SER A 34 9.45 -1.15 -2.51
CA SER A 34 10.46 -1.18 -1.47
C SER A 34 11.51 -0.09 -1.68
N GLU A 35 11.07 1.04 -2.22
CA GLU A 35 11.98 2.14 -2.48
C GLU A 35 11.20 3.42 -2.76
N LYS A 36 10.72 3.52 -4.00
CA LYS A 36 9.96 4.69 -4.40
C LYS A 36 9.04 4.31 -5.57
N LYS A 37 8.74 3.02 -5.65
CA LYS A 37 7.89 2.52 -6.70
C LYS A 37 6.45 3.00 -6.47
N CYS A 38 6.11 3.15 -5.20
CA CYS A 38 4.78 3.60 -4.81
C CYS A 38 4.86 4.65 -3.71
N CYS A 39 5.75 4.42 -2.75
CA CYS A 39 5.92 5.35 -1.64
C CYS A 39 7.40 5.68 -1.43
N PRO A 40 7.69 6.96 -1.13
CA PRO A 40 9.06 7.43 -0.90
C PRO A 40 9.65 6.89 0.39
N ALA A 41 9.96 5.59 0.39
CA ALA A 41 10.55 4.96 1.57
C ALA A 41 9.59 5.01 2.75
N GLY A 42 9.05 3.85 3.13
CA GLY A 42 8.12 3.79 4.24
C GLY A 42 6.91 4.67 4.04
N CYS A 43 5.83 4.08 3.54
CA CYS A 43 4.59 4.83 3.30
C CYS A 43 4.36 5.88 4.39
N LYS A 44 4.56 7.13 4.04
CA LYS A 44 4.37 8.22 5.00
C LYS A 44 2.91 8.24 5.46
N GLY A 45 2.01 8.19 4.48
CA GLY A 45 0.59 8.20 4.78
C GLY A 45 -0.25 8.56 3.57
N ASP A 46 0.09 9.66 2.92
CA ASP A 46 -0.65 10.11 1.75
C ASP A 46 0.01 9.55 0.50
N CYS A 47 0.50 8.32 0.62
CA CYS A 47 1.17 7.65 -0.49
C CYS A 47 0.26 7.60 -1.72
N LYS A 48 -0.99 7.27 -1.50
CA LYS A 48 -1.96 7.18 -2.59
C LYS A 48 -1.62 5.97 -3.47
N CYS A 49 -1.08 4.94 -2.81
CA CYS A 49 -0.70 3.72 -3.51
C CYS A 49 -1.89 3.15 -4.28
N ALA A 50 -1.59 2.37 -5.31
CA ALA A 50 -2.64 1.76 -6.13
C ALA A 50 -2.56 0.25 -6.07
N ASN A 51 -1.39 -0.27 -5.72
CA ASN A 51 -1.18 -1.71 -5.63
C ASN A 51 -1.61 -2.24 -4.27
N CYS A 52 -1.32 -1.48 -3.21
CA CYS A 52 -1.69 -1.86 -1.86
C CYS A 52 -2.98 -1.19 -1.43
N HIS A 53 -3.48 -0.30 -2.27
CA HIS A 53 -4.71 0.42 -1.96
C HIS A 53 -4.49 1.32 -0.74
N CYS A 54 -3.69 2.34 -0.94
CA CYS A 54 -3.38 3.29 0.13
C CYS A 54 -3.95 4.67 -0.19
N ALA A 55 -4.26 5.43 0.87
CA ALA A 55 -4.81 6.76 0.70
C ALA A 55 -4.87 7.50 2.04
N GLU A 56 -3.84 8.28 2.33
CA GLU A 56 -3.80 9.03 3.57
C GLU A 56 -4.04 8.10 4.76
N GLN A 57 -3.26 7.02 4.81
CA GLN A 57 -3.38 6.03 5.87
C GLN A 57 -4.71 5.29 5.79
N LYS A 58 -4.85 4.47 4.76
CA LYS A 58 -6.08 3.71 4.57
C LYS A 58 -5.76 2.21 4.60
N GLN A 59 -6.81 1.42 4.69
CA GLN A 59 -6.66 -0.04 4.73
C GLN A 59 -7.62 -0.71 3.74
N CYS A 60 -7.66 -2.04 3.78
CA CYS A 60 -8.53 -2.80 2.90
C CYS A 60 -8.75 -4.21 3.42
N GLY A 61 -7.77 -5.09 3.18
CA GLY A 61 -7.89 -6.46 3.64
C GLY A 61 -9.23 -7.08 3.29
N ASP A 62 -9.85 -6.59 2.23
CA ASP A 62 -11.14 -7.11 1.82
C ASP A 62 -10.91 -8.28 0.85
N LYS A 63 -11.70 -9.33 1.06
CA LYS A 63 -11.60 -10.50 0.21
C LYS A 63 -11.91 -10.12 -1.24
N THR A 64 -12.67 -9.04 -1.38
CA THR A 64 -13.05 -8.54 -2.69
C THR A 64 -11.83 -8.39 -3.60
N HIS A 65 -10.69 -8.13 -2.99
CA HIS A 65 -9.45 -7.96 -3.75
C HIS A 65 -8.61 -9.23 -3.64
N GLN A 66 -7.40 -9.15 -4.20
CA GLN A 66 -6.48 -10.28 -4.18
C GLN A 66 -5.50 -10.16 -3.02
N HIS A 67 -5.89 -9.40 -2.00
CA HIS A 67 -5.03 -9.20 -0.82
C HIS A 67 -4.70 -10.55 -0.17
N GLN A 68 -5.70 -11.18 0.44
CA GLN A 68 -5.49 -12.46 1.09
C GLN A 68 -4.42 -12.35 2.18
N GLY A 69 -4.16 -13.48 2.85
CA GLY A 69 -3.16 -13.49 3.91
C GLY A 69 -1.84 -14.06 3.44
ZN ZN B . 1.80 1.94 2.51
ZN ZN C . 0.98 5.01 2.99
ZN ZN D . 0.05 1.37 1.72
ZN ZN E . -8.01 -3.28 -1.27
N GLU A 26 6.05 -1.47 9.80
CA GLU A 26 7.07 -0.43 9.80
C GLU A 26 7.54 -0.16 8.38
N LYS A 27 7.79 1.12 8.11
CA LYS A 27 8.24 1.53 6.79
C LYS A 27 7.40 0.83 5.71
N TYR A 28 7.91 0.86 4.49
CA TYR A 28 7.23 0.24 3.36
C TYR A 28 6.83 -1.21 3.69
N CYS A 29 5.74 -1.66 3.08
CA CYS A 29 5.26 -3.01 3.30
C CYS A 29 5.05 -3.74 1.98
N CYS A 30 5.50 -3.12 0.89
CA CYS A 30 5.37 -3.71 -0.43
C CYS A 30 6.66 -4.36 -0.88
N GLU A 31 6.56 -5.34 -1.77
CA GLU A 31 7.74 -6.03 -2.26
C GLU A 31 8.23 -5.40 -3.57
N GLU A 32 8.42 -4.09 -3.53
CA GLU A 32 8.88 -3.36 -4.70
C GLU A 32 9.08 -1.89 -4.36
N ALA A 33 8.17 -1.38 -3.52
CA ALA A 33 8.23 0.01 -3.10
C ALA A 33 9.11 0.18 -1.87
N SER A 34 10.31 -0.40 -1.92
CA SER A 34 11.24 -0.32 -0.81
C SER A 34 12.17 0.88 -0.97
N GLU A 35 11.66 1.95 -1.57
CA GLU A 35 12.44 3.15 -1.77
C GLU A 35 11.55 4.28 -2.32
N LYS A 36 11.27 4.20 -3.61
CA LYS A 36 10.44 5.20 -4.26
C LYS A 36 9.80 4.59 -5.50
N LYS A 37 9.69 3.27 -5.49
CA LYS A 37 9.10 2.56 -6.62
C LYS A 37 7.62 2.93 -6.73
N CYS A 38 7.02 3.20 -5.57
CA CYS A 38 5.61 3.57 -5.51
C CYS A 38 5.36 4.62 -4.43
N CYS A 39 6.02 4.44 -3.28
CA CYS A 39 5.87 5.37 -2.17
C CYS A 39 7.10 5.31 -1.26
N PRO A 40 7.29 6.40 -0.48
CA PRO A 40 8.43 6.50 0.44
C PRO A 40 8.31 5.54 1.62
N ALA A 41 9.35 5.48 2.45
CA ALA A 41 9.36 4.61 3.60
C ALA A 41 8.10 4.78 4.44
N GLY A 42 7.36 3.69 4.64
CA GLY A 42 6.13 3.74 5.41
C GLY A 42 5.08 4.62 4.77
N CYS A 43 4.13 3.99 4.09
CA CYS A 43 3.05 4.72 3.43
C CYS A 43 2.66 5.95 4.24
N LYS A 44 3.05 7.12 3.74
CA LYS A 44 2.72 8.37 4.43
C LYS A 44 1.22 8.62 4.33
N GLY A 45 0.65 8.22 3.19
CA GLY A 45 -0.77 8.40 2.97
C GLY A 45 -1.11 8.52 1.50
N ASP A 46 -0.41 9.41 0.81
CA ASP A 46 -0.66 9.62 -0.61
C ASP A 46 0.27 8.71 -1.42
N CYS A 47 0.50 7.52 -0.89
CA CYS A 47 1.38 6.55 -1.55
C CYS A 47 0.84 6.18 -2.93
N LYS A 48 -0.46 5.94 -3.01
CA LYS A 48 -1.07 5.58 -4.28
C LYS A 48 -0.63 4.16 -4.67
N CYS A 49 -0.53 3.31 -3.65
CA CYS A 49 -0.13 1.92 -3.86
C CYS A 49 -1.11 1.20 -4.78
N ALA A 50 -0.66 0.09 -5.36
CA ALA A 50 -1.50 -0.69 -6.26
C ALA A 50 -1.69 -2.11 -5.73
N ASN A 51 -0.77 -2.55 -4.87
CA ASN A 51 -0.84 -3.88 -4.29
C ASN A 51 -1.74 -3.90 -3.07
N CYS A 52 -1.65 -2.86 -2.25
CA CYS A 52 -2.45 -2.75 -1.05
C CYS A 52 -3.68 -1.88 -1.28
N HIS A 53 -3.75 -1.27 -2.45
CA HIS A 53 -4.87 -0.41 -2.79
C HIS A 53 -4.87 0.82 -1.88
N CYS A 54 -3.81 1.60 -2.00
CA CYS A 54 -3.66 2.81 -1.19
C CYS A 54 -3.91 4.06 -2.04
N ALA A 55 -4.45 5.10 -1.40
CA ALA A 55 -4.74 6.34 -2.08
C ALA A 55 -5.10 7.44 -1.09
N GLU A 56 -4.10 8.22 -0.71
CA GLU A 56 -4.33 9.31 0.24
C GLU A 56 -5.07 8.79 1.48
N GLN A 57 -4.51 7.74 2.06
CA GLN A 57 -5.11 7.13 3.25
C GLN A 57 -6.43 6.45 2.91
N LYS A 58 -6.35 5.36 2.16
CA LYS A 58 -7.54 4.63 1.77
C LYS A 58 -7.57 3.28 2.50
N GLN A 59 -8.65 2.54 2.27
CA GLN A 59 -8.81 1.23 2.89
C GLN A 59 -9.19 0.17 1.85
N CYS A 60 -9.31 -1.06 2.29
CA CYS A 60 -9.66 -2.17 1.39
C CYS A 60 -9.89 -3.46 2.18
N GLY A 61 -10.04 -4.56 1.45
CA GLY A 61 -10.26 -5.84 2.09
C GLY A 61 -11.55 -6.50 1.65
N ASP A 62 -12.23 -5.87 0.71
CA ASP A 62 -13.48 -6.41 0.21
C ASP A 62 -13.24 -7.79 -0.40
N LYS A 63 -14.33 -8.49 -0.68
CA LYS A 63 -14.24 -9.82 -1.27
C LYS A 63 -13.88 -9.69 -2.74
N THR A 64 -14.30 -8.57 -3.33
CA THR A 64 -14.04 -8.31 -4.75
C THR A 64 -12.56 -8.48 -5.07
N HIS A 65 -11.71 -8.23 -4.09
CA HIS A 65 -10.28 -8.36 -4.30
C HIS A 65 -9.81 -9.72 -3.76
N GLN A 66 -8.51 -9.97 -3.91
CA GLN A 66 -7.92 -11.21 -3.45
C GLN A 66 -7.45 -11.09 -2.00
N HIS A 67 -7.84 -10.01 -1.34
CA HIS A 67 -7.45 -9.77 0.05
C HIS A 67 -7.82 -10.96 0.92
N GLN A 68 -6.89 -11.37 1.78
CA GLN A 68 -7.12 -12.50 2.66
C GLN A 68 -6.52 -12.24 4.05
N GLY A 69 -7.38 -12.06 5.04
CA GLY A 69 -6.93 -11.80 6.39
C GLY A 69 -6.92 -13.05 7.25
ZN ZN B . 0.34 0.77 3.20
ZN ZN C . 1.37 1.88 -0.17
ZN ZN D . 0.34 -0.70 1.53
ZN ZN E . -8.77 -3.77 -1.95
N GLU A 26 4.63 -2.77 9.28
CA GLU A 26 5.67 -1.77 9.39
C GLU A 26 6.29 -1.49 8.03
N LYS A 27 6.65 -0.23 7.81
CA LYS A 27 7.25 0.18 6.56
C LYS A 27 6.45 -0.40 5.40
N TYR A 28 7.07 -0.39 4.22
CA TYR A 28 6.43 -0.91 3.02
C TYR A 28 6.07 -2.39 3.19
N CYS A 29 4.96 -2.79 2.57
CA CYS A 29 4.51 -4.17 2.65
C CYS A 29 4.32 -4.76 1.26
N CYS A 30 4.80 -4.05 0.25
CA CYS A 30 4.68 -4.50 -1.14
C CYS A 30 6.00 -5.08 -1.63
N GLU A 31 5.91 -5.94 -2.63
CA GLU A 31 7.11 -6.56 -3.19
C GLU A 31 7.59 -5.79 -4.42
N GLU A 32 7.77 -4.50 -4.22
CA GLU A 32 8.22 -3.63 -5.31
C GLU A 32 8.40 -2.19 -4.81
N ALA A 33 7.49 -1.79 -3.94
CA ALA A 33 7.52 -0.46 -3.36
C ALA A 33 8.40 -0.41 -2.12
N SER A 34 9.60 -0.96 -2.23
CA SER A 34 10.54 -0.98 -1.11
C SER A 34 11.44 0.24 -1.14
N GLU A 35 10.91 1.35 -1.61
CA GLU A 35 11.68 2.59 -1.69
C GLU A 35 10.77 3.76 -2.03
N LYS A 36 10.43 3.86 -3.30
CA LYS A 36 9.56 4.94 -3.76
C LYS A 36 8.85 4.49 -5.05
N LYS A 37 8.76 3.18 -5.21
CA LYS A 37 8.10 2.62 -6.39
C LYS A 37 6.61 2.95 -6.34
N CYS A 38 6.09 3.05 -5.13
CA CYS A 38 4.68 3.36 -4.92
C CYS A 38 4.50 4.37 -3.79
N CYS A 39 5.27 4.19 -2.72
CA CYS A 39 5.19 5.08 -1.58
C CYS A 39 6.58 5.41 -1.04
N PRO A 40 6.74 6.60 -0.46
CA PRO A 40 8.01 7.06 0.10
C PRO A 40 8.41 6.28 1.35
N ALA A 41 8.72 5.00 1.18
CA ALA A 41 9.12 4.15 2.29
C ALA A 41 8.02 4.07 3.34
N GLY A 42 7.33 2.93 3.38
CA GLY A 42 6.26 2.75 4.35
C GLY A 42 5.12 3.72 4.13
N CYS A 43 4.08 3.28 3.43
CA CYS A 43 2.92 4.11 3.16
C CYS A 43 2.61 5.01 4.35
N LYS A 44 2.92 6.30 4.21
CA LYS A 44 2.66 7.25 5.28
C LYS A 44 1.16 7.29 5.58
N GLY A 45 0.37 7.13 4.52
CA GLY A 45 -1.06 7.15 4.66
C GLY A 45 -1.77 7.51 3.36
N ASP A 46 -1.44 8.66 2.81
CA ASP A 46 -2.05 9.10 1.56
C ASP A 46 -1.17 8.67 0.39
N CYS A 47 -0.59 7.49 0.52
CA CYS A 47 0.28 6.94 -0.51
C CYS A 47 -0.50 6.67 -1.79
N LYS A 48 -1.70 6.14 -1.65
CA LYS A 48 -2.54 5.85 -2.81
C LYS A 48 -1.95 4.66 -3.57
N CYS A 49 -1.54 3.65 -2.80
CA CYS A 49 -0.95 2.45 -3.38
C CYS A 49 -1.87 1.85 -4.44
N ALA A 50 -1.31 0.99 -5.29
CA ALA A 50 -2.08 0.35 -6.35
C ALA A 50 -2.05 -1.17 -6.20
N ASN A 51 -1.01 -1.68 -5.55
CA ASN A 51 -0.87 -3.11 -5.34
C ASN A 51 -1.57 -3.56 -4.06
N CYS A 52 -1.46 -2.73 -3.02
CA CYS A 52 -2.09 -3.04 -1.74
C CYS A 52 -3.42 -2.31 -1.59
N HIS A 53 -3.78 -1.54 -2.61
CA HIS A 53 -5.03 -0.80 -2.59
C HIS A 53 -5.08 0.06 -1.32
N CYS A 54 -4.27 1.11 -1.32
CA CYS A 54 -4.21 2.02 -0.19
C CYS A 54 -4.78 3.38 -0.55
N ALA A 55 -5.29 4.10 0.44
CA ALA A 55 -5.88 5.42 0.22
C ALA A 55 -6.09 6.15 1.54
N GLU A 56 -5.16 7.03 1.88
CA GLU A 56 -5.26 7.78 3.11
C GLU A 56 -5.52 6.84 4.30
N GLN A 57 -4.63 5.87 4.44
CA GLN A 57 -4.75 4.89 5.52
C GLN A 57 -5.94 3.97 5.30
N LYS A 58 -5.85 3.13 4.27
CA LYS A 58 -6.93 2.20 3.97
C LYS A 58 -6.39 0.77 3.98
N GLN A 59 -7.30 -0.17 3.76
CA GLN A 59 -6.94 -1.58 3.73
C GLN A 59 -7.23 -2.20 2.37
N CYS A 60 -8.03 -1.52 1.57
CA CYS A 60 -8.39 -1.99 0.24
C CYS A 60 -9.32 -1.02 -0.47
N GLY A 61 -9.41 -1.14 -1.78
CA GLY A 61 -10.27 -0.27 -2.55
C GLY A 61 -11.44 -0.99 -3.18
N ASP A 62 -11.26 -2.29 -3.44
CA ASP A 62 -12.31 -3.08 -4.05
C ASP A 62 -13.45 -3.27 -3.05
N LYS A 63 -13.17 -4.08 -2.03
CA LYS A 63 -14.15 -4.35 -0.99
C LYS A 63 -13.52 -5.20 0.10
N THR A 64 -12.85 -6.26 -0.33
CA THR A 64 -12.20 -7.18 0.59
C THR A 64 -11.32 -8.18 -0.17
N HIS A 65 -10.02 -7.98 -0.12
CA HIS A 65 -9.10 -8.86 -0.81
C HIS A 65 -8.16 -9.51 0.22
N GLN A 66 -7.19 -10.26 -0.30
CA GLN A 66 -6.21 -10.93 0.55
C GLN A 66 -4.96 -10.09 0.73
N HIS A 67 -5.15 -8.78 0.87
CA HIS A 67 -4.05 -7.85 1.05
C HIS A 67 -3.21 -8.24 2.27
N GLN A 68 -3.83 -8.94 3.21
CA GLN A 68 -3.14 -9.38 4.42
C GLN A 68 -2.84 -8.19 5.33
N GLY A 69 -1.89 -7.36 4.90
CA GLY A 69 -1.52 -6.20 5.69
C GLY A 69 -0.97 -6.57 7.05
ZN ZN B . 2.20 0.33 1.24
ZN ZN C . 1.11 2.42 -0.17
ZN ZN D . 0.51 0.36 0.05
ZN ZN E . -8.34 -4.98 -2.91
N GLU A 26 2.77 -0.27 7.99
CA GLU A 26 4.18 -0.03 8.19
C GLU A 26 4.89 0.18 6.85
N LYS A 27 5.17 1.43 6.55
CA LYS A 27 5.83 1.78 5.30
C LYS A 27 5.19 1.00 4.16
N TYR A 28 5.93 0.92 3.05
CA TYR A 28 5.47 0.21 1.88
C TYR A 28 5.17 -1.25 2.20
N CYS A 29 4.14 -1.80 1.55
CA CYS A 29 3.75 -3.18 1.76
C CYS A 29 3.75 -3.96 0.45
N CYS A 30 4.30 -3.36 -0.58
CA CYS A 30 4.35 -3.99 -1.90
C CYS A 30 5.75 -4.55 -2.16
N GLU A 31 5.82 -5.56 -3.04
CA GLU A 31 7.10 -6.18 -3.36
C GLU A 31 7.67 -5.55 -4.63
N GLU A 32 7.81 -4.24 -4.59
CA GLU A 32 8.35 -3.51 -5.73
C GLU A 32 8.44 -2.01 -5.42
N ALA A 33 7.45 -1.54 -4.68
CA ALA A 33 7.39 -0.13 -4.28
C ALA A 33 8.16 0.12 -3.00
N SER A 34 9.38 -0.42 -2.93
CA SER A 34 10.22 -0.26 -1.75
C SER A 34 11.13 0.94 -1.88
N GLU A 35 10.65 1.97 -2.59
CA GLU A 35 11.43 3.18 -2.79
C GLU A 35 10.52 4.34 -3.18
N LYS A 36 10.18 4.36 -4.46
CA LYS A 36 9.32 5.41 -4.98
C LYS A 36 8.57 4.89 -6.20
N LYS A 37 8.46 3.57 -6.28
CA LYS A 37 7.78 2.94 -7.39
C LYS A 37 6.27 3.22 -7.30
N CYS A 38 5.80 3.33 -6.06
CA CYS A 38 4.39 3.60 -5.79
C CYS A 38 4.24 4.63 -4.69
N CYS A 39 5.05 4.50 -3.65
CA CYS A 39 4.99 5.42 -2.51
C CYS A 39 6.37 6.02 -2.23
N PRO A 40 6.40 7.31 -1.91
CA PRO A 40 7.64 8.03 -1.61
C PRO A 40 8.26 7.58 -0.28
N ALA A 41 8.85 6.40 -0.28
CA ALA A 41 9.48 5.85 0.92
C ALA A 41 8.48 5.75 2.07
N GLY A 42 7.98 4.53 2.29
CA GLY A 42 7.01 4.31 3.36
C GLY A 42 5.74 5.09 3.14
N CYS A 43 4.75 4.46 2.53
CA CYS A 43 3.46 5.10 2.28
C CYS A 43 3.09 6.04 3.42
N LYS A 44 3.18 7.33 3.17
CA LYS A 44 2.85 8.32 4.18
C LYS A 44 1.40 8.10 4.65
N GLY A 45 0.57 7.67 3.70
CA GLY A 45 -0.83 7.42 4.00
C GLY A 45 -1.73 7.66 2.81
N ASP A 46 -1.58 8.83 2.19
CA ASP A 46 -2.40 9.17 1.03
C ASP A 46 -1.69 8.72 -0.24
N CYS A 47 -1.03 7.57 -0.14
CA CYS A 47 -0.29 7.00 -1.27
C CYS A 47 -1.18 6.92 -2.50
N LYS A 48 -2.37 6.35 -2.34
CA LYS A 48 -3.29 6.22 -3.45
C LYS A 48 -2.75 5.20 -4.44
N CYS A 49 -2.06 4.20 -3.90
CA CYS A 49 -1.48 3.13 -4.71
C CYS A 49 -2.54 2.49 -5.60
N ALA A 50 -2.08 1.71 -6.58
CA ALA A 50 -2.99 1.03 -7.50
C ALA A 50 -2.79 -0.48 -7.45
N ASN A 51 -1.58 -0.90 -7.11
CA ASN A 51 -1.26 -2.32 -7.04
C ASN A 51 -1.64 -2.89 -5.67
N CYS A 52 -1.40 -2.11 -4.62
CA CYS A 52 -1.71 -2.54 -3.27
C CYS A 52 -3.05 -1.96 -2.82
N HIS A 53 -3.65 -1.12 -3.66
CA HIS A 53 -4.92 -0.52 -3.33
C HIS A 53 -4.81 0.24 -2.00
N CYS A 54 -4.28 1.45 -2.09
CA CYS A 54 -4.11 2.30 -0.92
C CYS A 54 -4.96 3.56 -1.03
N ALA A 55 -5.32 4.13 0.11
CA ALA A 55 -6.13 5.33 0.14
C ALA A 55 -6.18 5.93 1.55
N GLU A 56 -5.29 6.88 1.82
CA GLU A 56 -5.24 7.51 3.12
C GLU A 56 -5.23 6.45 4.23
N GLN A 57 -4.26 5.54 4.11
CA GLN A 57 -4.10 4.47 5.09
C GLN A 57 -5.25 3.47 4.99
N LYS A 58 -5.29 2.73 3.89
CA LYS A 58 -6.34 1.75 3.68
C LYS A 58 -5.71 0.36 3.59
N GLN A 59 -6.59 -0.63 3.35
CA GLN A 59 -6.14 -2.01 3.24
C GLN A 59 -6.46 -2.57 1.85
N CYS A 60 -7.42 -1.95 1.18
CA CYS A 60 -7.83 -2.38 -0.15
C CYS A 60 -8.97 -1.53 -0.69
N GLY A 61 -9.15 -1.54 -2.00
CA GLY A 61 -10.20 -0.75 -2.62
C GLY A 61 -11.51 -1.51 -2.71
N ASP A 62 -11.43 -2.79 -3.02
CA ASP A 62 -12.63 -3.61 -3.13
C ASP A 62 -13.15 -3.94 -1.73
N LYS A 63 -12.38 -4.75 -1.02
CA LYS A 63 -12.75 -5.15 0.32
C LYS A 63 -11.62 -5.98 0.93
N THR A 64 -11.25 -7.04 0.22
CA THR A 64 -10.19 -7.94 0.67
C THR A 64 -9.78 -8.90 -0.44
N HIS A 65 -8.70 -8.58 -1.12
CA HIS A 65 -8.21 -9.43 -2.20
C HIS A 65 -7.09 -10.34 -1.67
N GLN A 66 -5.89 -9.76 -1.59
CA GLN A 66 -4.73 -10.49 -1.11
C GLN A 66 -3.65 -9.53 -0.62
N HIS A 67 -4.06 -8.32 -0.24
CA HIS A 67 -3.13 -7.31 0.24
C HIS A 67 -2.67 -7.63 1.66
N GLN A 68 -1.40 -7.37 1.94
CA GLN A 68 -0.85 -7.63 3.27
C GLN A 68 -1.44 -6.68 4.30
N GLY A 69 -2.56 -7.09 4.89
CA GLY A 69 -3.21 -6.26 5.90
C GLY A 69 -3.93 -7.09 6.95
ZN ZN B . 1.04 1.51 1.31
ZN ZN C . 1.95 2.84 -1.13
ZN ZN D . -0.20 1.28 -0.06
ZN ZN E . -7.97 -5.06 -3.63
N GLU A 26 5.88 -2.60 9.87
CA GLU A 26 7.10 -1.80 9.85
C GLU A 26 7.49 -1.47 8.41
N LYS A 27 7.93 -0.24 8.22
CA LYS A 27 8.33 0.21 6.90
C LYS A 27 7.30 -0.25 5.86
N TYR A 28 7.74 -0.26 4.61
CA TYR A 28 6.88 -0.67 3.50
C TYR A 28 6.34 -2.09 3.74
N CYS A 29 5.14 -2.34 3.25
CA CYS A 29 4.51 -3.65 3.41
C CYS A 29 4.07 -4.21 2.05
N CYS A 30 4.49 -3.54 0.98
CA CYS A 30 4.14 -3.97 -0.37
C CYS A 30 5.30 -4.72 -1.02
N GLU A 31 4.97 -5.57 -1.99
CA GLU A 31 5.99 -6.35 -2.67
C GLU A 31 6.41 -5.64 -3.96
N GLU A 32 6.79 -4.38 -3.82
CA GLU A 32 7.21 -3.60 -4.96
C GLU A 32 7.63 -2.20 -4.51
N ALA A 33 6.90 -1.67 -3.53
CA ALA A 33 7.18 -0.35 -2.99
C ALA A 33 8.20 -0.42 -1.86
N SER A 34 9.30 -1.13 -2.11
CA SER A 34 10.35 -1.28 -1.11
C SER A 34 11.40 -0.20 -1.28
N GLU A 35 10.97 0.99 -1.69
CA GLU A 35 11.88 2.09 -1.87
C GLU A 35 11.10 3.38 -2.17
N LYS A 36 10.64 3.48 -3.41
CA LYS A 36 9.88 4.65 -3.84
C LYS A 36 9.00 4.26 -5.03
N LYS A 37 8.71 2.98 -5.12
CA LYS A 37 7.88 2.47 -6.19
C LYS A 37 6.46 3.02 -6.04
N CYS A 38 6.08 3.23 -4.78
CA CYS A 38 4.75 3.74 -4.46
C CYS A 38 4.83 4.80 -3.37
N CYS A 39 5.65 4.55 -2.36
CA CYS A 39 5.82 5.48 -1.25
C CYS A 39 7.28 5.56 -0.82
N PRO A 40 7.68 6.73 -0.30
CA PRO A 40 9.05 6.97 0.15
C PRO A 40 9.38 6.18 1.41
N ALA A 41 9.45 4.86 1.28
CA ALA A 41 9.76 3.99 2.41
C ALA A 41 8.67 4.07 3.48
N GLY A 42 8.03 2.94 3.74
CA GLY A 42 6.97 2.90 4.74
C GLY A 42 5.83 3.83 4.40
N CYS A 43 4.76 3.29 3.83
CA CYS A 43 3.59 4.08 3.47
C CYS A 43 3.32 5.16 4.50
N LYS A 44 3.62 6.40 4.13
CA LYS A 44 3.40 7.52 5.03
C LYS A 44 1.91 7.72 5.24
N GLY A 45 1.16 7.63 4.15
CA GLY A 45 -0.28 7.79 4.21
C GLY A 45 -0.88 8.17 2.87
N ASP A 46 -0.35 9.23 2.27
CA ASP A 46 -0.85 9.68 0.98
C ASP A 46 -0.04 9.01 -0.14
N CYS A 47 0.30 7.74 0.08
CA CYS A 47 1.06 6.98 -0.88
C CYS A 47 0.35 6.93 -2.23
N LYS A 48 -0.94 6.65 -2.20
CA LYS A 48 -1.72 6.58 -3.43
C LYS A 48 -1.31 5.34 -4.21
N CYS A 49 -0.92 4.30 -3.48
CA CYS A 49 -0.49 3.05 -4.08
C CYS A 49 -1.57 2.50 -5.00
N ALA A 50 -1.20 1.51 -5.83
CA ALA A 50 -2.14 0.91 -6.76
C ALA A 50 -2.25 -0.60 -6.51
N ASN A 51 -1.18 -1.18 -5.99
CA ASN A 51 -1.16 -2.62 -5.71
C ASN A 51 -1.78 -2.91 -4.35
N CYS A 52 -1.52 -2.04 -3.38
CA CYS A 52 -2.06 -2.21 -2.04
C CYS A 52 -3.34 -1.39 -1.85
N HIS A 53 -3.68 -0.60 -2.86
CA HIS A 53 -4.87 0.22 -2.79
C HIS A 53 -4.75 1.19 -1.60
N CYS A 54 -3.82 2.13 -1.73
CA CYS A 54 -3.60 3.12 -0.69
C CYS A 54 -4.12 4.49 -1.11
N ALA A 55 -4.56 5.27 -0.14
CA ALA A 55 -5.09 6.61 -0.41
C ALA A 55 -5.27 7.40 0.87
N GLU A 56 -4.25 8.15 1.24
CA GLU A 56 -4.30 8.95 2.45
C GLU A 56 -4.75 8.10 3.63
N GLN A 57 -4.06 6.98 3.81
CA GLN A 57 -4.37 6.05 4.90
C GLN A 57 -5.71 5.37 4.66
N LYS A 58 -5.77 4.52 3.66
CA LYS A 58 -6.99 3.80 3.34
C LYS A 58 -6.77 2.29 3.48
N GLN A 59 -7.87 1.55 3.47
CA GLN A 59 -7.81 0.10 3.59
C GLN A 59 -8.64 -0.58 2.51
N CYS A 60 -8.74 -1.90 2.58
CA CYS A 60 -9.49 -2.66 1.60
C CYS A 60 -9.83 -4.05 2.13
N GLY A 61 -8.86 -4.96 2.03
CA GLY A 61 -9.08 -6.32 2.51
C GLY A 61 -10.38 -6.91 2.03
N ASP A 62 -10.87 -6.43 0.90
CA ASP A 62 -12.11 -6.92 0.35
C ASP A 62 -11.83 -8.09 -0.59
N LYS A 63 -12.66 -9.12 -0.48
CA LYS A 63 -12.50 -10.29 -1.32
C LYS A 63 -12.64 -9.90 -2.80
N THR A 64 -13.34 -8.79 -3.01
CA THR A 64 -13.57 -8.29 -4.35
C THR A 64 -12.26 -8.18 -5.13
N HIS A 65 -11.17 -7.97 -4.42
CA HIS A 65 -9.87 -7.85 -5.05
C HIS A 65 -9.09 -9.16 -4.87
N GLN A 66 -7.81 -9.11 -5.24
CA GLN A 66 -6.94 -10.28 -5.14
C GLN A 66 -6.12 -10.23 -3.85
N HIS A 67 -6.59 -9.44 -2.88
CA HIS A 67 -5.89 -9.30 -1.61
C HIS A 67 -5.72 -10.66 -0.94
N GLN A 68 -4.93 -10.69 0.13
CA GLN A 68 -4.69 -11.92 0.87
C GLN A 68 -5.52 -11.98 2.14
N GLY A 69 -6.83 -12.14 1.98
CA GLY A 69 -7.72 -12.21 3.12
C GLY A 69 -8.06 -13.64 3.51
ZN ZN B . 1.83 0.94 1.86
ZN ZN C . 1.02 3.29 0.72
ZN ZN D . -0.47 0.52 1.68
ZN ZN E . -8.48 -3.23 -2.43
N GLU A 26 5.13 -4.09 7.21
CA GLU A 26 6.19 -3.15 7.53
C GLU A 26 6.76 -2.53 6.26
N LYS A 27 7.17 -1.27 6.39
CA LYS A 27 7.74 -0.55 5.26
C LYS A 27 6.84 -0.77 4.03
N TYR A 28 7.42 -0.45 2.87
CA TYR A 28 6.70 -0.60 1.60
C TYR A 28 6.29 -2.06 1.38
N CYS A 29 5.19 -2.25 0.66
CA CYS A 29 4.68 -3.59 0.38
C CYS A 29 4.42 -3.76 -1.12
N CYS A 30 4.88 -2.79 -1.91
CA CYS A 30 4.68 -2.84 -3.35
C CYS A 30 5.98 -3.20 -4.06
N GLU A 31 5.87 -3.71 -5.28
CA GLU A 31 7.03 -4.10 -6.05
C GLU A 31 7.43 -2.98 -7.01
N GLU A 32 7.56 -1.79 -6.46
CA GLU A 32 7.92 -0.63 -7.25
C GLU A 32 8.06 0.61 -6.37
N ALA A 33 7.16 0.70 -5.39
CA ALA A 33 7.16 1.81 -4.45
C ALA A 33 8.08 1.54 -3.27
N SER A 34 9.31 1.10 -3.56
CA SER A 34 10.28 0.80 -2.53
C SER A 34 11.12 2.03 -2.20
N GLU A 35 10.50 3.20 -2.26
CA GLU A 35 11.21 4.44 -1.97
C GLU A 35 10.21 5.58 -1.76
N LYS A 36 9.73 6.11 -2.88
CA LYS A 36 8.77 7.20 -2.82
C LYS A 36 7.95 7.22 -4.11
N LYS A 37 7.89 6.05 -4.75
CA LYS A 37 7.14 5.91 -5.99
C LYS A 37 5.64 6.04 -5.70
N CYS A 38 5.26 5.57 -4.52
CA CYS A 38 3.87 5.61 -4.09
C CYS A 38 3.76 6.06 -2.64
N CYS A 39 4.66 5.55 -1.80
CA CYS A 39 4.66 5.89 -0.38
C CYS A 39 6.08 6.00 0.15
N PRO A 40 6.35 7.06 0.93
CA PRO A 40 7.68 7.29 1.51
C PRO A 40 8.02 6.28 2.60
N ALA A 41 8.19 5.02 2.21
CA ALA A 41 8.51 3.96 3.15
C ALA A 41 7.39 3.73 4.14
N GLY A 42 6.87 2.51 4.16
CA GLY A 42 5.79 2.18 5.07
C GLY A 42 4.54 3.02 4.82
N CYS A 43 3.57 2.44 4.12
CA CYS A 43 2.33 3.13 3.80
C CYS A 43 1.91 4.04 4.96
N LYS A 44 2.05 5.34 4.76
CA LYS A 44 1.68 6.29 5.80
C LYS A 44 0.16 6.33 5.94
N GLY A 45 -0.49 6.72 4.84
CA GLY A 45 -1.95 6.80 4.84
C GLY A 45 -2.49 7.20 3.49
N ASP A 46 -2.11 8.39 3.02
CA ASP A 46 -2.58 8.88 1.74
C ASP A 46 -1.59 8.47 0.65
N CYS A 47 -1.07 7.25 0.79
CA CYS A 47 -0.10 6.72 -0.17
C CYS A 47 -0.74 6.54 -1.54
N LYS A 48 -1.94 5.97 -1.55
CA LYS A 48 -2.65 5.74 -2.81
C LYS A 48 -1.94 4.63 -3.59
N CYS A 49 -1.59 3.56 -2.87
CA CYS A 49 -0.91 2.42 -3.47
C CYS A 49 -1.72 1.85 -4.63
N ALA A 50 -1.21 0.80 -5.25
CA ALA A 50 -1.88 0.17 -6.38
C ALA A 50 -2.00 -1.33 -6.17
N ASN A 51 -0.97 -1.93 -5.58
CA ASN A 51 -0.96 -3.36 -5.33
C ASN A 51 -1.59 -3.67 -3.97
N CYS A 52 -1.22 -2.91 -2.96
CA CYS A 52 -1.75 -3.11 -1.61
C CYS A 52 -3.15 -2.52 -1.49
N HIS A 53 -3.54 -1.73 -2.48
CA HIS A 53 -4.86 -1.12 -2.47
C HIS A 53 -4.99 -0.19 -1.26
N CYS A 54 -4.22 0.88 -1.30
CA CYS A 54 -4.22 1.86 -0.21
C CYS A 54 -4.91 3.16 -0.66
N ALA A 55 -5.50 3.86 0.30
CA ALA A 55 -6.19 5.11 0.00
C ALA A 55 -6.56 5.85 1.29
N GLU A 56 -5.70 6.76 1.71
CA GLU A 56 -5.95 7.53 2.92
C GLU A 56 -6.30 6.59 4.08
N GLN A 57 -5.41 5.63 4.31
CA GLN A 57 -5.61 4.66 5.37
C GLN A 57 -6.75 3.70 5.04
N LYS A 58 -6.55 2.86 4.05
CA LYS A 58 -7.58 1.92 3.65
C LYS A 58 -7.09 0.49 3.92
N GLN A 59 -7.94 -0.47 3.59
CA GLN A 59 -7.63 -1.88 3.80
C GLN A 59 -7.60 -2.63 2.47
N CYS A 60 -8.37 -2.15 1.51
CA CYS A 60 -8.44 -2.78 0.20
C CYS A 60 -9.44 -2.06 -0.71
N GLY A 61 -9.28 -2.22 -2.02
CA GLY A 61 -10.17 -1.58 -2.97
C GLY A 61 -11.45 -2.37 -3.19
N ASP A 62 -11.30 -3.68 -3.30
CA ASP A 62 -12.46 -4.54 -3.52
C ASP A 62 -13.23 -4.70 -2.21
N LYS A 63 -12.61 -5.40 -1.28
CA LYS A 63 -13.22 -5.62 0.02
C LYS A 63 -12.24 -6.37 0.93
N THR A 64 -11.78 -7.51 0.42
CA THR A 64 -10.84 -8.34 1.17
C THR A 64 -10.18 -9.39 0.26
N HIS A 65 -8.98 -9.08 -0.21
CA HIS A 65 -8.27 -10.00 -1.09
C HIS A 65 -7.27 -10.82 -0.26
N GLN A 66 -6.13 -10.20 0.02
CA GLN A 66 -5.08 -10.86 0.80
C GLN A 66 -4.12 -9.84 1.40
N HIS A 67 -4.60 -8.62 1.57
CA HIS A 67 -3.80 -7.54 2.13
C HIS A 67 -3.65 -7.70 3.64
N GLN A 68 -2.77 -8.61 4.05
CA GLN A 68 -2.54 -8.87 5.47
C GLN A 68 -3.82 -9.33 6.16
N GLY A 69 -4.15 -10.61 5.98
CA GLY A 69 -5.34 -11.16 6.59
C GLY A 69 -6.36 -11.60 5.57
ZN ZN B . 2.76 0.32 1.94
ZN ZN C . 1.84 3.43 1.12
ZN ZN D . -0.42 0.88 1.25
ZN ZN E . -7.79 -5.81 -2.82
N GLU A 26 3.95 -1.63 9.65
CA GLU A 26 5.40 -1.72 9.61
C GLU A 26 5.91 -1.37 8.21
N LYS A 27 6.23 -0.09 8.03
CA LYS A 27 6.73 0.38 6.75
C LYS A 27 5.89 -0.23 5.62
N TYR A 28 6.46 -0.21 4.43
CA TYR A 28 5.78 -0.74 3.25
C TYR A 28 5.28 -2.16 3.50
N CYS A 29 4.12 -2.47 2.94
CA CYS A 29 3.53 -3.80 3.10
C CYS A 29 3.31 -4.47 1.75
N CYS A 30 3.88 -3.89 0.71
CA CYS A 30 3.75 -4.42 -0.64
C CYS A 30 5.00 -5.19 -1.06
N GLU A 31 4.83 -6.13 -1.97
CA GLU A 31 5.95 -6.93 -2.44
C GLU A 31 6.54 -6.33 -3.72
N GLU A 32 6.86 -5.04 -3.64
CA GLU A 32 7.42 -4.34 -4.78
C GLU A 32 7.73 -2.89 -4.42
N ALA A 33 6.85 -2.32 -3.59
CA ALA A 33 7.02 -0.95 -3.14
C ALA A 33 7.90 -0.87 -1.89
N SER A 34 9.04 -1.56 -1.94
CA SER A 34 9.96 -1.57 -0.82
C SER A 34 10.98 -0.43 -0.92
N GLU A 35 10.53 0.70 -1.45
CA GLU A 35 11.40 1.85 -1.61
C GLU A 35 10.58 3.10 -1.96
N LYS A 36 10.21 3.18 -3.21
CA LYS A 36 9.42 4.32 -3.69
C LYS A 36 8.65 3.90 -4.94
N LYS A 37 8.42 2.61 -5.06
CA LYS A 37 7.69 2.08 -6.20
C LYS A 37 6.22 2.51 -6.11
N CYS A 38 5.74 2.61 -4.88
CA CYS A 38 4.37 3.01 -4.62
C CYS A 38 4.30 4.06 -3.52
N CYS A 39 5.10 3.87 -2.47
CA CYS A 39 5.12 4.80 -1.35
C CYS A 39 6.56 5.15 -0.97
N PRO A 40 6.78 6.41 -0.58
CA PRO A 40 8.11 6.89 -0.18
C PRO A 40 8.56 6.31 1.15
N ALA A 41 8.82 5.01 1.16
CA ALA A 41 9.26 4.33 2.37
C ALA A 41 8.19 4.39 3.46
N GLY A 42 7.61 3.24 3.78
CA GLY A 42 6.58 3.19 4.80
C GLY A 42 5.39 4.07 4.48
N CYS A 43 4.35 3.47 3.91
CA CYS A 43 3.15 4.21 3.53
C CYS A 43 2.84 5.29 4.57
N LYS A 44 3.07 6.55 4.19
CA LYS A 44 2.81 7.65 5.10
C LYS A 44 1.31 7.69 5.43
N GLY A 45 0.50 7.60 4.38
CA GLY A 45 -0.94 7.64 4.56
C GLY A 45 -1.67 7.91 3.26
N ASP A 46 -1.37 9.03 2.63
CA ASP A 46 -2.01 9.39 1.37
C ASP A 46 -1.17 8.88 0.21
N CYS A 47 -0.60 7.70 0.40
CA CYS A 47 0.24 7.08 -0.62
C CYS A 47 -0.49 7.02 -1.96
N LYS A 48 -1.75 6.63 -1.93
CA LYS A 48 -2.54 6.55 -3.15
C LYS A 48 -2.03 5.39 -4.00
N CYS A 49 -1.54 4.36 -3.32
CA CYS A 49 -1.01 3.17 -3.98
C CYS A 49 -2.03 2.60 -4.95
N ALA A 50 -1.55 1.80 -5.91
CA ALA A 50 -2.43 1.19 -6.89
C ALA A 50 -2.38 -0.33 -6.80
N ASN A 51 -1.28 -0.85 -6.24
CA ASN A 51 -1.11 -2.29 -6.09
C ASN A 51 -1.82 -2.79 -4.84
N CYS A 52 -1.74 -2.01 -3.76
CA CYS A 52 -2.37 -2.37 -2.50
C CYS A 52 -3.70 -1.64 -2.32
N HIS A 53 -3.99 -0.73 -3.24
CA HIS A 53 -5.23 0.03 -3.18
C HIS A 53 -5.27 0.83 -1.87
N CYS A 54 -4.36 1.77 -1.77
CA CYS A 54 -4.27 2.62 -0.59
C CYS A 54 -4.90 3.99 -0.84
N ALA A 55 -5.41 4.61 0.21
CA ALA A 55 -6.04 5.92 0.10
C ALA A 55 -6.16 6.59 1.47
N GLU A 56 -5.19 7.41 1.81
CA GLU A 56 -5.21 8.10 3.09
C GLU A 56 -5.43 7.11 4.23
N GLN A 57 -4.59 6.07 4.25
CA GLN A 57 -4.68 5.04 5.27
C GLN A 57 -5.95 4.23 5.11
N LYS A 58 -6.01 3.44 4.04
CA LYS A 58 -7.19 2.61 3.79
C LYS A 58 -6.74 1.16 3.56
N GLN A 59 -7.73 0.28 3.50
CA GLN A 59 -7.47 -1.13 3.28
C GLN A 59 -8.24 -1.66 2.07
N CYS A 60 -9.03 -0.78 1.46
CA CYS A 60 -9.83 -1.15 0.29
C CYS A 60 -10.82 -2.26 0.64
N GLY A 61 -10.38 -3.50 0.53
CA GLY A 61 -11.24 -4.63 0.82
C GLY A 61 -12.56 -4.55 0.08
N ASP A 62 -12.49 -4.36 -1.23
CA ASP A 62 -13.70 -4.27 -2.04
C ASP A 62 -14.57 -5.50 -1.77
N LYS A 63 -13.91 -6.62 -1.52
CA LYS A 63 -14.61 -7.86 -1.26
C LYS A 63 -13.63 -8.87 -0.64
N THR A 64 -12.46 -8.96 -1.25
CA THR A 64 -11.43 -9.87 -0.78
C THR A 64 -10.17 -9.77 -1.65
N HIS A 65 -9.29 -8.85 -1.28
CA HIS A 65 -8.06 -8.66 -2.02
C HIS A 65 -6.86 -9.04 -1.15
N GLN A 66 -5.71 -9.21 -1.81
CA GLN A 66 -4.49 -9.58 -1.11
C GLN A 66 -3.88 -8.37 -0.40
N HIS A 67 -4.65 -7.80 0.52
CA HIS A 67 -4.19 -6.63 1.28
C HIS A 67 -3.64 -7.06 2.64
N GLN A 68 -2.41 -7.56 2.65
CA GLN A 68 -1.77 -8.01 3.87
C GLN A 68 -2.62 -9.07 4.58
N GLY A 69 -2.82 -10.20 3.92
CA GLY A 69 -3.61 -11.27 4.49
C GLY A 69 -2.98 -12.63 4.30
ZN ZN B . 0.12 1.37 3.04
ZN ZN C . -1.04 4.95 1.82
ZN ZN D . -0.47 1.36 0.52
ZN ZN E . -8.41 -3.92 -3.29
N GLU A 26 10.70 -2.14 8.07
CA GLU A 26 12.01 -2.07 7.46
C GLU A 26 11.90 -1.72 5.98
N LYS A 27 12.43 -0.55 5.64
CA LYS A 27 12.40 -0.09 4.26
C LYS A 27 10.99 -0.28 3.70
N TYR A 28 10.89 -0.22 2.38
CA TYR A 28 9.61 -0.38 1.69
C TYR A 28 9.05 -1.77 1.93
N CYS A 29 7.73 -1.88 1.88
CA CYS A 29 7.05 -3.16 2.09
C CYS A 29 6.00 -3.39 1.01
N CYS A 30 6.06 -2.61 -0.05
CA CYS A 30 5.11 -2.72 -1.15
C CYS A 30 5.76 -3.37 -2.37
N GLU A 31 4.96 -4.01 -3.20
CA GLU A 31 5.47 -4.66 -4.39
C GLU A 31 5.33 -3.73 -5.60
N GLU A 32 5.92 -2.56 -5.50
CA GLU A 32 5.87 -1.58 -6.58
C GLU A 32 6.74 -0.37 -6.24
N ALA A 33 6.71 0.00 -4.95
CA ALA A 33 7.48 1.14 -4.47
C ALA A 33 8.97 0.90 -4.63
N SER A 34 9.53 0.08 -3.73
CA SER A 34 10.95 -0.22 -3.77
C SER A 34 11.79 1.03 -3.54
N GLU A 35 11.14 2.09 -3.09
CA GLU A 35 11.83 3.35 -2.84
C GLU A 35 10.84 4.42 -2.39
N LYS A 36 10.12 4.96 -3.35
CA LYS A 36 9.13 6.00 -3.07
C LYS A 36 8.18 6.14 -4.25
N LYS A 37 8.03 5.05 -4.98
CA LYS A 37 7.16 5.04 -6.15
C LYS A 37 5.72 5.27 -5.71
N CYS A 38 5.43 4.84 -4.48
CA CYS A 38 4.09 4.99 -3.91
C CYS A 38 4.17 5.49 -2.47
N CYS A 39 5.10 4.92 -1.70
CA CYS A 39 5.28 5.30 -0.31
C CYS A 39 6.76 5.31 0.08
N PRO A 40 7.18 6.37 0.77
CA PRO A 40 8.57 6.52 1.21
C PRO A 40 8.94 5.53 2.31
N ALA A 41 9.00 4.25 1.95
CA ALA A 41 9.34 3.21 2.91
C ALA A 41 8.29 3.10 4.01
N GLY A 42 7.67 1.93 4.11
CA GLY A 42 6.64 1.72 5.12
C GLY A 42 5.47 2.67 4.97
N CYS A 43 4.39 2.19 4.35
CA CYS A 43 3.20 3.01 4.15
C CYS A 43 2.98 3.94 5.33
N LYS A 44 3.23 5.23 5.13
CA LYS A 44 3.06 6.21 6.18
C LYS A 44 1.57 6.33 6.50
N GLY A 45 0.79 6.65 5.47
CA GLY A 45 -0.63 6.81 5.63
C GLY A 45 -1.32 7.25 4.36
N ASP A 46 -0.97 8.44 3.88
CA ASP A 46 -1.57 8.97 2.67
C ASP A 46 -0.71 8.58 1.47
N CYS A 47 -0.19 7.36 1.52
CA CYS A 47 0.66 6.83 0.46
C CYS A 47 -0.13 6.68 -0.84
N LYS A 48 -1.35 6.18 -0.73
CA LYS A 48 -2.19 5.98 -1.90
C LYS A 48 -1.62 4.85 -2.75
N CYS A 49 -1.08 3.84 -2.07
CA CYS A 49 -0.49 2.69 -2.74
C CYS A 49 -1.49 2.05 -3.70
N ALA A 50 -0.98 1.26 -4.63
CA ALA A 50 -1.83 0.59 -5.61
C ALA A 50 -1.73 -0.92 -5.49
N ASN A 51 -0.68 -1.39 -4.82
CA ASN A 51 -0.46 -2.81 -4.63
C ASN A 51 -1.25 -3.33 -3.43
N CYS A 52 -1.29 -2.53 -2.37
CA CYS A 52 -2.01 -2.91 -1.16
C CYS A 52 -3.33 -2.14 -1.05
N HIS A 53 -3.56 -1.26 -2.00
CA HIS A 53 -4.78 -0.47 -2.00
C HIS A 53 -4.83 0.42 -0.76
N CYS A 54 -3.74 1.15 -0.56
CA CYS A 54 -3.61 2.04 0.60
C CYS A 54 -4.27 3.39 0.30
N ALA A 55 -4.76 4.05 1.34
CA ALA A 55 -5.40 5.35 1.19
C ALA A 55 -5.62 6.01 2.55
N GLU A 56 -4.70 6.90 2.92
CA GLU A 56 -4.81 7.59 4.19
C GLU A 56 -5.05 6.59 5.33
N GLN A 57 -4.15 5.62 5.41
CA GLN A 57 -4.24 4.59 6.44
C GLN A 57 -5.43 3.68 6.20
N LYS A 58 -5.36 2.88 5.13
CA LYS A 58 -6.44 1.98 4.81
C LYS A 58 -5.89 0.56 4.65
N GLN A 59 -6.81 -0.40 4.60
CA GLN A 59 -6.43 -1.80 4.46
C GLN A 59 -6.75 -2.31 3.06
N CYS A 60 -7.60 -1.58 2.35
CA CYS A 60 -7.99 -1.96 1.00
C CYS A 60 -8.99 -0.95 0.42
N GLY A 61 -9.10 -0.94 -0.92
CA GLY A 61 -10.02 -0.02 -1.57
C GLY A 61 -11.44 -0.54 -1.59
N ASP A 62 -11.59 -1.83 -1.86
CA ASP A 62 -12.91 -2.43 -1.91
C ASP A 62 -13.50 -2.49 -0.50
N LYS A 63 -12.96 -3.41 0.29
CA LYS A 63 -13.42 -3.58 1.67
C LYS A 63 -12.61 -4.68 2.34
N THR A 64 -12.74 -5.88 1.80
CA THR A 64 -12.04 -7.05 2.33
C THR A 64 -11.42 -7.88 1.20
N HIS A 65 -10.21 -7.53 0.82
CA HIS A 65 -9.53 -8.25 -0.24
C HIS A 65 -8.58 -9.29 0.36
N GLN A 66 -7.81 -9.93 -0.52
CA GLN A 66 -6.87 -10.95 -0.09
C GLN A 66 -5.47 -10.35 0.10
N HIS A 67 -5.43 -9.06 0.37
CA HIS A 67 -4.16 -8.35 0.57
C HIS A 67 -3.31 -9.07 1.61
N GLN A 68 -3.85 -9.21 2.82
CA GLN A 68 -3.13 -9.87 3.91
C GLN A 68 -3.71 -11.26 4.16
N GLY A 69 -2.86 -12.28 3.95
CA GLY A 69 -3.30 -13.65 4.15
C GLY A 69 -2.15 -14.59 4.45
ZN ZN B . 0.57 0.05 2.74
ZN ZN C . 2.39 3.34 1.55
ZN ZN D . 0.92 -0.07 0.87
ZN ZN E . -8.24 -4.58 -2.47
N GLU A 26 2.08 -2.99 8.99
CA GLU A 26 3.13 -1.99 9.20
C GLU A 26 3.94 -1.80 7.91
N LYS A 27 4.54 -0.63 7.81
CA LYS A 27 5.35 -0.30 6.64
C LYS A 27 4.60 -0.74 5.37
N TYR A 28 5.37 -0.87 4.30
CA TYR A 28 4.81 -1.29 3.01
C TYR A 28 4.21 -2.69 3.11
N CYS A 29 3.04 -2.86 2.49
CA CYS A 29 2.36 -4.15 2.51
C CYS A 29 2.24 -4.72 1.09
N CYS A 30 3.00 -4.14 0.17
CA CYS A 30 2.97 -4.59 -1.22
C CYS A 30 4.18 -5.47 -1.54
N GLU A 31 4.03 -6.33 -2.53
CA GLU A 31 5.12 -7.22 -2.91
C GLU A 31 5.92 -6.60 -4.06
N GLU A 32 5.82 -5.29 -4.18
CA GLU A 32 6.53 -4.58 -5.22
C GLU A 32 6.63 -3.09 -4.88
N ALA A 33 6.58 -2.81 -3.58
CA ALA A 33 6.67 -1.44 -3.08
C ALA A 33 7.54 -1.36 -1.83
N SER A 34 8.63 -2.13 -1.83
CA SER A 34 9.55 -2.15 -0.70
C SER A 34 10.68 -1.15 -0.91
N GLU A 35 10.38 -0.06 -1.59
CA GLU A 35 11.38 0.97 -1.86
C GLU A 35 10.71 2.32 -2.11
N LYS A 36 10.29 2.51 -3.35
CA LYS A 36 9.63 3.76 -3.73
C LYS A 36 8.81 3.51 -5.00
N LYS A 37 8.43 2.26 -5.19
CA LYS A 37 7.64 1.89 -6.35
C LYS A 37 6.23 2.45 -6.21
N CYS A 38 5.77 2.51 -4.97
CA CYS A 38 4.44 3.03 -4.65
C CYS A 38 4.49 3.98 -3.47
N CYS A 39 5.27 3.61 -2.46
CA CYS A 39 5.40 4.43 -1.26
C CYS A 39 6.86 4.66 -0.90
N PRO A 40 7.19 5.88 -0.45
CA PRO A 40 8.56 6.24 -0.08
C PRO A 40 9.01 5.55 1.20
N ALA A 41 9.27 4.25 1.11
CA ALA A 41 9.71 3.47 2.26
C ALA A 41 8.65 3.47 3.36
N GLY A 42 8.00 2.33 3.55
CA GLY A 42 6.98 2.23 4.58
C GLY A 42 5.86 3.24 4.38
N CYS A 43 4.78 2.81 3.74
CA CYS A 43 3.64 3.69 3.50
C CYS A 43 3.42 4.64 4.68
N LYS A 44 3.76 5.90 4.48
CA LYS A 44 3.59 6.89 5.53
C LYS A 44 2.13 6.90 5.98
N GLY A 45 1.24 6.70 5.02
CA GLY A 45 -0.18 6.69 5.30
C GLY A 45 -1.01 7.26 4.18
N ASP A 46 -0.68 8.48 3.77
CA ASP A 46 -1.41 9.13 2.69
C ASP A 46 -0.72 8.84 1.37
N CYS A 47 -0.22 7.62 1.24
CA CYS A 47 0.48 7.18 0.04
C CYS A 47 -0.39 7.40 -1.19
N LYS A 48 -1.67 7.07 -1.07
CA LYS A 48 -2.59 7.22 -2.19
C LYS A 48 -2.25 6.21 -3.28
N CYS A 49 -1.77 5.05 -2.83
CA CYS A 49 -1.39 3.98 -3.75
C CYS A 49 -2.54 3.63 -4.69
N ALA A 50 -2.22 3.01 -5.81
CA ALA A 50 -3.22 2.62 -6.79
C ALA A 50 -3.21 1.12 -7.03
N ASN A 51 -2.07 0.49 -6.80
CA ASN A 51 -1.93 -0.94 -6.98
C ASN A 51 -2.40 -1.70 -5.74
N CYS A 52 -2.09 -1.16 -4.57
CA CYS A 52 -2.48 -1.78 -3.31
C CYS A 52 -3.76 -1.16 -2.76
N HIS A 53 -4.17 -0.06 -3.37
CA HIS A 53 -5.38 0.64 -2.94
C HIS A 53 -5.20 1.12 -1.50
N CYS A 54 -4.53 2.26 -1.37
CA CYS A 54 -4.28 2.86 -0.07
C CYS A 54 -4.83 4.28 0.00
N ALA A 55 -5.22 4.71 1.19
CA ALA A 55 -5.76 6.04 1.39
C ALA A 55 -5.68 6.46 2.85
N GLU A 56 -4.64 7.21 3.19
CA GLU A 56 -4.45 7.67 4.56
C GLU A 56 -4.58 6.50 5.53
N GLN A 57 -3.79 5.47 5.28
CA GLN A 57 -3.80 4.27 6.11
C GLN A 57 -5.12 3.53 5.99
N LYS A 58 -5.38 2.99 4.81
CA LYS A 58 -6.61 2.26 4.57
C LYS A 58 -6.33 1.05 3.68
N GLN A 59 -7.28 0.12 3.66
CA GLN A 59 -7.15 -1.08 2.86
C GLN A 59 -8.44 -1.37 2.09
N CYS A 60 -8.30 -1.76 0.83
CA CYS A 60 -9.45 -2.06 -0.02
C CYS A 60 -10.21 -3.27 0.52
N GLY A 61 -9.66 -4.46 0.29
CA GLY A 61 -10.30 -5.67 0.75
C GLY A 61 -11.58 -5.98 0.00
N ASP A 62 -11.87 -5.19 -1.02
CA ASP A 62 -13.07 -5.38 -1.81
C ASP A 62 -13.14 -6.83 -2.30
N LYS A 63 -13.99 -7.60 -1.64
CA LYS A 63 -14.15 -9.01 -2.00
C LYS A 63 -12.91 -9.78 -1.55
N THR A 64 -11.87 -9.69 -2.37
CA THR A 64 -10.62 -10.39 -2.08
C THR A 64 -9.59 -10.11 -3.18
N HIS A 65 -8.78 -9.07 -2.98
CA HIS A 65 -7.76 -8.73 -3.96
C HIS A 65 -6.41 -9.31 -3.51
N GLN A 66 -5.38 -8.96 -4.27
CA GLN A 66 -4.03 -9.43 -3.98
C GLN A 66 -3.31 -8.49 -3.03
N HIS A 67 -3.98 -8.11 -1.95
CA HIS A 67 -3.41 -7.21 -0.97
C HIS A 67 -2.69 -7.99 0.13
N GLN A 68 -3.27 -9.10 0.54
CA GLN A 68 -2.69 -9.94 1.58
C GLN A 68 -1.83 -11.04 0.98
N GLY A 69 -0.53 -10.77 0.84
CA GLY A 69 0.37 -11.76 0.27
C GLY A 69 1.75 -11.70 0.89
ZN ZN B . 0.50 0.94 2.47
ZN ZN C . 0.71 3.22 0.96
ZN ZN D . 0.79 0.14 -0.81
ZN ZN E . -8.55 -3.67 -3.79
N GLU A 26 7.32 -2.29 9.60
CA GLU A 26 8.70 -1.87 9.42
C GLU A 26 8.99 -1.65 7.93
N LYS A 27 9.48 -0.46 7.62
CA LYS A 27 9.80 -0.11 6.25
C LYS A 27 8.68 -0.59 5.33
N TYR A 28 9.01 -0.69 4.04
CA TYR A 28 8.06 -1.13 3.04
C TYR A 28 7.44 -2.47 3.42
N CYS A 29 6.16 -2.64 3.10
CA CYS A 29 5.45 -3.89 3.41
C CYS A 29 4.83 -4.48 2.16
N CYS A 30 5.26 -3.98 1.00
CA CYS A 30 4.73 -4.46 -0.27
C CYS A 30 5.75 -5.36 -0.98
N GLU A 31 5.27 -6.24 -1.83
CA GLU A 31 6.14 -7.14 -2.56
C GLU A 31 6.40 -6.60 -3.97
N GLU A 32 6.90 -5.38 -4.01
CA GLU A 32 7.19 -4.74 -5.28
C GLU A 32 7.95 -3.43 -5.05
N ALA A 33 7.55 -2.72 -4.00
CA ALA A 33 8.17 -1.45 -3.64
C ALA A 33 9.63 -1.65 -3.27
N SER A 34 9.88 -1.98 -2.00
CA SER A 34 11.24 -2.20 -1.53
C SER A 34 12.05 -0.90 -1.59
N GLU A 35 11.35 0.21 -1.79
CA GLU A 35 12.01 1.50 -1.87
C GLU A 35 10.98 2.63 -1.84
N LYS A 36 10.44 2.93 -3.00
CA LYS A 36 9.44 3.97 -3.13
C LYS A 36 8.67 3.79 -4.44
N LYS A 37 8.63 2.55 -4.89
CA LYS A 37 7.91 2.23 -6.12
C LYS A 37 6.44 2.56 -5.96
N CYS A 38 5.98 2.53 -4.71
CA CYS A 38 4.59 2.83 -4.40
C CYS A 38 4.48 3.58 -3.07
N CYS A 39 5.27 3.15 -2.09
CA CYS A 39 5.26 3.78 -0.77
C CYS A 39 6.68 4.07 -0.30
N PRO A 40 6.92 5.33 0.10
CA PRO A 40 8.23 5.77 0.58
C PRO A 40 8.59 5.18 1.93
N ALA A 41 8.94 3.89 1.93
CA ALA A 41 9.30 3.20 3.17
C ALA A 41 8.14 3.21 4.16
N GLY A 42 7.52 2.05 4.35
CA GLY A 42 6.41 1.94 5.28
C GLY A 42 5.27 2.86 4.91
N CYS A 43 4.25 2.32 4.26
CA CYS A 43 3.10 3.10 3.84
C CYS A 43 2.54 3.91 5.01
N LYS A 44 2.87 5.19 5.04
CA LYS A 44 2.39 6.06 6.12
C LYS A 44 0.87 6.11 6.09
N GLY A 45 0.32 5.94 4.89
CA GLY A 45 -1.12 5.97 4.72
C GLY A 45 -1.54 6.78 3.51
N ASP A 46 -0.88 7.90 3.29
CA ASP A 46 -1.20 8.75 2.16
C ASP A 46 -0.32 8.37 0.97
N CYS A 47 -0.07 7.07 0.85
CA CYS A 47 0.76 6.54 -0.23
C CYS A 47 0.07 6.73 -1.58
N LYS A 48 -1.23 6.47 -1.62
CA LYS A 48 -1.98 6.61 -2.85
C LYS A 48 -1.57 5.50 -3.83
N CYS A 49 -1.22 4.36 -3.26
CA CYS A 49 -0.79 3.21 -4.05
C CYS A 49 -1.87 2.82 -5.06
N ALA A 50 -1.46 2.14 -6.12
CA ALA A 50 -2.38 1.72 -7.16
C ALA A 50 -2.43 0.19 -7.27
N ASN A 51 -1.38 -0.45 -6.77
CA ASN A 51 -1.28 -1.90 -6.81
C ASN A 51 -1.96 -2.53 -5.60
N CYS A 52 -1.78 -1.90 -4.44
CA CYS A 52 -2.37 -2.39 -3.20
C CYS A 52 -3.69 -1.67 -2.90
N HIS A 53 -4.01 -0.68 -3.72
CA HIS A 53 -5.23 0.08 -3.53
C HIS A 53 -5.16 0.83 -2.20
N CYS A 54 -4.31 1.87 -2.18
CA CYS A 54 -4.13 2.68 -0.99
C CYS A 54 -4.51 4.13 -1.26
N ALA A 55 -4.98 4.82 -0.23
CA ALA A 55 -5.39 6.22 -0.36
C ALA A 55 -5.66 6.84 1.00
N GLU A 56 -4.64 7.44 1.59
CA GLU A 56 -4.79 8.07 2.88
C GLU A 56 -5.45 7.10 3.87
N GLN A 57 -4.89 5.91 3.96
CA GLN A 57 -5.41 4.88 4.85
C GLN A 57 -6.78 4.40 4.38
N LYS A 58 -6.86 3.94 3.15
CA LYS A 58 -8.11 3.46 2.60
C LYS A 58 -8.04 1.94 2.44
N GLN A 59 -9.21 1.35 2.15
CA GLN A 59 -9.30 -0.09 1.97
C GLN A 59 -9.09 -0.47 0.50
N CYS A 60 -9.10 -1.76 0.22
CA CYS A 60 -8.92 -2.25 -1.14
C CYS A 60 -9.91 -1.60 -2.10
N GLY A 61 -9.56 -1.60 -3.38
CA GLY A 61 -10.44 -1.00 -4.38
C GLY A 61 -11.85 -1.53 -4.29
N ASP A 62 -12.04 -2.78 -4.67
CA ASP A 62 -13.37 -3.39 -4.63
C ASP A 62 -13.77 -3.62 -3.18
N LYS A 63 -13.11 -4.60 -2.56
CA LYS A 63 -13.40 -4.92 -1.17
C LYS A 63 -12.44 -6.02 -0.71
N THR A 64 -12.23 -7.00 -1.59
CA THR A 64 -11.34 -8.12 -1.29
C THR A 64 -10.82 -8.76 -2.58
N HIS A 65 -9.62 -8.38 -2.98
CA HIS A 65 -9.03 -8.92 -4.19
C HIS A 65 -7.97 -9.98 -3.82
N GLN A 66 -6.79 -9.48 -3.46
CA GLN A 66 -5.69 -10.35 -3.09
C GLN A 66 -4.62 -9.59 -2.33
N HIS A 67 -5.03 -8.49 -1.69
CA HIS A 67 -4.11 -7.66 -0.92
C HIS A 67 -3.92 -8.20 0.49
N GLN A 68 -2.99 -9.15 0.63
CA GLN A 68 -2.72 -9.75 1.93
C GLN A 68 -2.13 -8.73 2.90
N GLY A 69 -2.59 -8.75 4.14
CA GLY A 69 -2.10 -7.83 5.14
C GLY A 69 -3.19 -7.35 6.08
ZN ZN B . 1.62 0.24 1.40
ZN ZN C . -0.10 2.94 1.79
ZN ZN D . 0.33 -0.53 0.31
ZN ZN E . -8.49 -4.51 -4.49
N GLU A 26 6.50 -5.55 7.24
CA GLU A 26 7.62 -5.01 6.49
C GLU A 26 7.33 -3.57 6.06
N LYS A 27 8.40 -2.83 5.81
CA LYS A 27 8.26 -1.44 5.40
C LYS A 27 7.36 -1.36 4.18
N TYR A 28 7.64 -2.23 3.21
CA TYR A 28 6.85 -2.27 1.98
C TYR A 28 6.36 -3.69 1.71
N CYS A 29 5.18 -3.78 1.11
CA CYS A 29 4.58 -5.07 0.79
C CYS A 29 4.22 -5.16 -0.69
N CYS A 30 4.69 -4.19 -1.46
CA CYS A 30 4.41 -4.15 -2.90
C CYS A 30 5.63 -4.61 -3.69
N GLU A 31 5.39 -5.08 -4.91
CA GLU A 31 6.47 -5.55 -5.76
C GLU A 31 6.92 -4.44 -6.71
N GLU A 32 7.22 -3.29 -6.12
CA GLU A 32 7.67 -2.15 -6.90
C GLU A 32 8.01 -0.97 -5.98
N ALA A 33 7.22 -0.84 -4.93
CA ALA A 33 7.42 0.23 -3.95
C ALA A 33 8.40 -0.20 -2.87
N SER A 34 9.53 -0.76 -3.28
CA SER A 34 10.55 -1.22 -2.34
C SER A 34 11.57 -0.12 -2.07
N GLU A 35 11.10 1.12 -2.09
CA GLU A 35 11.99 2.25 -1.84
C GLU A 35 11.17 3.53 -1.66
N LYS A 36 10.73 4.09 -2.78
CA LYS A 36 9.93 5.30 -2.75
C LYS A 36 9.08 5.37 -4.02
N LYS A 37 8.83 4.20 -4.59
CA LYS A 37 8.04 4.12 -5.81
C LYS A 37 6.59 4.51 -5.48
N CYS A 38 6.18 4.21 -4.26
CA CYS A 38 4.84 4.52 -3.80
C CYS A 38 4.86 5.07 -2.37
N CYS A 39 5.67 4.45 -1.52
CA CYS A 39 5.78 4.89 -0.13
C CYS A 39 7.23 4.79 0.35
N PRO A 40 7.74 5.92 0.86
CA PRO A 40 9.12 6.00 1.36
C PRO A 40 9.32 5.20 2.65
N ALA A 41 9.36 3.88 2.52
CA ALA A 41 9.54 3.00 3.68
C ALA A 41 8.36 3.10 4.64
N GLY A 42 7.69 1.97 4.86
CA GLY A 42 6.55 1.95 5.76
C GLY A 42 5.45 2.89 5.31
N CYS A 43 4.45 2.35 4.64
CA CYS A 43 3.33 3.15 4.14
C CYS A 43 2.97 4.25 5.14
N LYS A 44 3.32 5.48 4.80
CA LYS A 44 3.03 6.61 5.66
C LYS A 44 1.51 6.79 5.78
N GLY A 45 0.85 6.72 4.63
CA GLY A 45 -0.60 6.87 4.60
C GLY A 45 -1.10 7.29 3.23
N ASP A 46 -0.50 8.32 2.67
CA ASP A 46 -0.91 8.81 1.36
C ASP A 46 -0.08 8.10 0.29
N CYS A 47 0.17 6.81 0.51
CA CYS A 47 0.94 6.01 -0.42
C CYS A 47 0.39 6.13 -1.83
N LYS A 48 -0.92 6.02 -1.96
CA LYS A 48 -1.56 6.11 -3.27
C LYS A 48 -1.19 4.89 -4.10
N CYS A 49 -0.94 3.79 -3.40
CA CYS A 49 -0.57 2.54 -4.04
C CYS A 49 -1.65 2.09 -5.03
N ALA A 50 -1.28 1.24 -5.97
CA ALA A 50 -2.23 0.74 -6.96
C ALA A 50 -2.38 -0.78 -6.86
N ASN A 51 -1.36 -1.44 -6.34
CA ASN A 51 -1.37 -2.89 -6.18
C ASN A 51 -2.04 -3.29 -4.87
N CYS A 52 -1.79 -2.51 -3.83
CA CYS A 52 -2.36 -2.78 -2.51
C CYS A 52 -3.61 -1.95 -2.29
N HIS A 53 -3.90 -1.05 -3.21
CA HIS A 53 -5.08 -0.20 -3.10
C HIS A 53 -5.01 0.59 -1.80
N CYS A 54 -4.19 1.64 -1.82
CA CYS A 54 -4.02 2.50 -0.65
C CYS A 54 -4.40 3.93 -0.97
N ALA A 55 -4.93 4.65 0.02
CA ALA A 55 -5.33 6.03 -0.16
C ALA A 55 -5.48 6.74 1.18
N GLU A 56 -4.43 7.43 1.60
CA GLU A 56 -4.46 8.15 2.86
C GLU A 56 -4.93 7.22 3.99
N GLN A 57 -4.23 6.10 4.11
CA GLN A 57 -4.56 5.10 5.14
C GLN A 57 -5.88 4.42 4.83
N LYS A 58 -5.93 3.75 3.69
CA LYS A 58 -7.14 3.04 3.29
C LYS A 58 -6.77 1.73 2.61
N GLN A 59 -7.76 0.84 2.50
CA GLN A 59 -7.56 -0.45 1.87
C GLN A 59 -8.87 -0.97 1.28
N CYS A 60 -8.75 -1.87 0.30
CA CYS A 60 -9.92 -2.45 -0.34
C CYS A 60 -10.67 -3.36 0.61
N GLY A 61 -10.00 -4.42 1.06
CA GLY A 61 -10.62 -5.36 1.97
C GLY A 61 -11.94 -5.90 1.44
N ASP A 62 -12.09 -5.89 0.13
CA ASP A 62 -13.31 -6.38 -0.49
C ASP A 62 -13.40 -7.89 -0.29
N LYS A 63 -12.27 -8.48 0.07
CA LYS A 63 -12.21 -9.92 0.30
C LYS A 63 -12.40 -10.65 -1.04
N THR A 64 -11.47 -10.39 -1.95
CA THR A 64 -11.51 -11.01 -3.28
C THR A 64 -10.15 -10.96 -3.94
N HIS A 65 -9.44 -9.85 -3.75
CA HIS A 65 -8.12 -9.69 -4.35
C HIS A 65 -7.08 -10.37 -3.47
N GLN A 66 -7.57 -11.06 -2.45
CA GLN A 66 -6.70 -11.78 -1.52
C GLN A 66 -5.89 -10.80 -0.68
N HIS A 67 -6.44 -9.61 -0.46
CA HIS A 67 -5.76 -8.59 0.32
C HIS A 67 -5.30 -9.14 1.68
N GLN A 68 -4.09 -8.79 2.07
CA GLN A 68 -3.53 -9.27 3.33
C GLN A 68 -4.20 -8.57 4.52
N GLY A 69 -4.95 -9.33 5.30
CA GLY A 69 -5.63 -8.77 6.45
C GLY A 69 -7.07 -8.39 6.15
ZN ZN B . 2.28 -0.23 2.42
ZN ZN C . 2.37 2.30 0.04
ZN ZN D . 1.00 -0.30 -0.48
ZN ZN E . -8.80 -4.28 -3.88
N GLU A 26 2.34 0.38 9.56
CA GLU A 26 3.77 0.18 9.37
C GLU A 26 4.19 0.68 7.99
N LYS A 27 5.45 0.45 7.66
CA LYS A 27 5.99 0.88 6.39
C LYS A 27 5.21 0.20 5.26
N TYR A 28 5.79 0.25 4.06
CA TYR A 28 5.18 -0.35 2.88
C TYR A 28 4.64 -1.73 3.20
N CYS A 29 3.38 -1.97 2.84
CA CYS A 29 2.75 -3.27 3.09
C CYS A 29 2.51 -4.01 1.77
N CYS A 30 3.22 -3.60 0.73
CA CYS A 30 3.08 -4.23 -0.58
C CYS A 30 4.25 -5.18 -0.86
N GLU A 31 4.03 -6.13 -1.75
CA GLU A 31 5.06 -7.09 -2.09
C GLU A 31 5.82 -6.63 -3.34
N GLU A 32 5.75 -5.33 -3.60
CA GLU A 32 6.42 -4.77 -4.75
C GLU A 32 6.41 -3.24 -4.67
N ALA A 33 6.42 -2.74 -3.44
CA ALA A 33 6.42 -1.30 -3.19
C ALA A 33 7.84 -0.75 -3.17
N SER A 34 8.80 -1.61 -2.86
CA SER A 34 10.20 -1.20 -2.80
C SER A 34 10.37 0.02 -1.90
N GLU A 35 9.42 0.22 -1.01
CA GLU A 35 9.48 1.35 -0.10
C GLU A 35 9.96 2.60 -0.83
N LYS A 36 9.48 2.74 -2.06
CA LYS A 36 9.86 3.88 -2.88
C LYS A 36 8.97 3.92 -4.12
N LYS A 37 8.71 2.75 -4.66
CA LYS A 37 7.88 2.63 -5.85
C LYS A 37 6.60 3.43 -5.65
N CYS A 38 5.68 2.84 -4.89
CA CYS A 38 4.40 3.47 -4.61
C CYS A 38 4.52 4.42 -3.42
N CYS A 39 5.17 3.97 -2.35
CA CYS A 39 5.35 4.77 -1.16
C CYS A 39 6.81 5.17 -0.99
N PRO A 40 7.06 6.49 -0.89
CA PRO A 40 8.41 7.03 -0.72
C PRO A 40 9.00 6.71 0.65
N ALA A 41 9.39 5.45 0.85
CA ALA A 41 9.97 5.02 2.11
C ALA A 41 8.95 5.15 3.25
N GLY A 42 8.47 4.02 3.74
CA GLY A 42 7.51 4.03 4.83
C GLY A 42 6.28 4.84 4.50
N CYS A 43 5.25 4.17 4.00
CA CYS A 43 4.00 4.84 3.63
C CYS A 43 3.66 5.94 4.64
N LYS A 44 3.81 7.18 4.21
CA LYS A 44 3.53 8.31 5.08
C LYS A 44 2.05 8.27 5.47
N GLY A 45 1.23 7.78 4.55
CA GLY A 45 -0.20 7.69 4.79
C GLY A 45 -1.01 7.96 3.54
N ASP A 46 -0.81 9.13 2.95
CA ASP A 46 -1.53 9.51 1.75
C ASP A 46 -0.73 9.09 0.53
N CYS A 47 -0.09 7.94 0.64
CA CYS A 47 0.72 7.41 -0.45
C CYS A 47 -0.07 7.38 -1.76
N LYS A 48 -1.33 6.98 -1.66
CA LYS A 48 -2.18 6.91 -2.85
C LYS A 48 -1.70 5.77 -3.74
N CYS A 49 -1.20 4.72 -3.10
CA CYS A 49 -0.70 3.55 -3.82
C CYS A 49 -1.76 3.01 -4.77
N ALA A 50 -1.30 2.38 -5.86
CA ALA A 50 -2.21 1.82 -6.84
C ALA A 50 -2.03 0.30 -6.95
N ASN A 51 -0.89 -0.18 -6.47
CA ASN A 51 -0.59 -1.62 -6.52
C ASN A 51 -1.19 -2.34 -5.31
N CYS A 52 -1.12 -1.69 -4.16
CA CYS A 52 -1.66 -2.26 -2.93
C CYS A 52 -3.02 -1.65 -2.58
N HIS A 53 -3.43 -0.67 -3.37
CA HIS A 53 -4.70 -0.01 -3.13
C HIS A 53 -4.67 0.71 -1.79
N CYS A 54 -3.84 1.76 -1.73
CA CYS A 54 -3.69 2.55 -0.51
C CYS A 54 -4.30 3.94 -0.68
N ALA A 55 -4.73 4.53 0.42
CA ALA A 55 -5.32 5.87 0.39
C ALA A 55 -5.47 6.44 1.79
N GLU A 56 -4.54 7.30 2.17
CA GLU A 56 -4.57 7.91 3.50
C GLU A 56 -4.72 6.84 4.57
N GLN A 57 -3.78 5.89 4.53
CA GLN A 57 -3.78 4.79 5.50
C GLN A 57 -4.96 3.85 5.26
N LYS A 58 -4.94 3.14 4.15
CA LYS A 58 -6.01 2.22 3.82
C LYS A 58 -5.44 0.81 3.63
N GLN A 59 -6.34 -0.14 3.40
CA GLN A 59 -5.95 -1.53 3.20
C GLN A 59 -6.35 -2.00 1.81
N CYS A 60 -7.26 -1.27 1.18
CA CYS A 60 -7.74 -1.62 -0.16
C CYS A 60 -8.77 -0.61 -0.65
N GLY A 61 -9.00 -0.59 -1.96
CA GLY A 61 -9.96 0.33 -2.54
C GLY A 61 -11.21 -0.37 -3.01
N ASP A 62 -11.08 -1.62 -3.43
CA ASP A 62 -12.21 -2.38 -3.92
C ASP A 62 -13.13 -2.71 -2.73
N LYS A 63 -12.65 -3.60 -1.87
CA LYS A 63 -13.42 -4.01 -0.71
C LYS A 63 -12.58 -4.97 0.13
N THR A 64 -12.30 -6.12 -0.46
CA THR A 64 -11.50 -7.14 0.21
C THR A 64 -10.74 -8.00 -0.79
N HIS A 65 -9.47 -7.65 -1.00
CA HIS A 65 -8.65 -8.39 -1.94
C HIS A 65 -7.60 -9.20 -1.17
N GLN A 66 -6.71 -9.82 -1.92
CA GLN A 66 -5.65 -10.64 -1.35
C GLN A 66 -4.37 -9.82 -1.16
N HIS A 67 -4.53 -8.54 -0.88
CA HIS A 67 -3.39 -7.65 -0.68
C HIS A 67 -2.42 -8.24 0.34
N GLN A 68 -1.31 -8.77 -0.15
CA GLN A 68 -0.30 -9.37 0.72
C GLN A 68 0.47 -8.29 1.48
N GLY A 69 0.75 -8.56 2.74
CA GLY A 69 1.48 -7.61 3.56
C GLY A 69 1.16 -7.74 5.04
ZN ZN B . 1.14 1.85 3.23
ZN ZN C . 1.90 3.67 0.56
ZN ZN D . 1.03 0.73 -0.12
ZN ZN E . -8.00 -4.20 -3.63
N GLU A 26 2.13 -0.59 8.17
CA GLU A 26 3.35 0.11 8.57
C GLU A 26 4.27 0.29 7.36
N LYS A 27 4.71 1.52 7.17
CA LYS A 27 5.59 1.84 6.06
C LYS A 27 5.05 1.19 4.79
N TYR A 28 5.92 1.13 3.79
CA TYR A 28 5.56 0.54 2.50
C TYR A 28 5.13 -0.92 2.68
N CYS A 29 4.07 -1.30 1.96
CA CYS A 29 3.55 -2.66 2.04
C CYS A 29 3.67 -3.36 0.70
N CYS A 30 4.45 -2.77 -0.21
CA CYS A 30 4.64 -3.33 -1.54
C CYS A 30 5.90 -4.18 -1.59
N GLU A 31 5.95 -5.09 -2.56
CA GLU A 31 7.10 -5.97 -2.70
C GLU A 31 8.08 -5.39 -3.72
N GLU A 32 7.98 -4.09 -3.92
CA GLU A 32 8.84 -3.41 -4.87
C GLU A 32 8.70 -1.89 -4.72
N ALA A 33 8.39 -1.46 -3.50
CA ALA A 33 8.22 -0.05 -3.21
C ALA A 33 9.54 0.58 -2.77
N SER A 34 10.27 -0.11 -1.90
CA SER A 34 11.55 0.39 -1.40
C SER A 34 11.38 1.78 -0.80
N GLU A 35 10.17 2.10 -0.39
CA GLU A 35 9.90 3.41 0.20
C GLU A 35 10.43 4.52 -0.71
N LYS A 36 10.09 4.42 -1.98
CA LYS A 36 10.53 5.41 -2.96
C LYS A 36 9.62 5.34 -4.19
N LYS A 37 9.29 4.11 -4.56
CA LYS A 37 8.44 3.88 -5.72
C LYS A 37 7.30 4.91 -5.72
N CYS A 38 6.29 4.62 -4.92
CA CYS A 38 5.13 5.49 -4.80
C CYS A 38 5.05 6.12 -3.41
N CYS A 39 5.66 5.46 -2.44
CA CYS A 39 5.65 5.94 -1.06
C CYS A 39 7.06 6.32 -0.61
N PRO A 40 7.35 7.63 -0.65
CA PRO A 40 8.67 8.14 -0.25
C PRO A 40 8.91 8.03 1.25
N ALA A 41 9.27 6.84 1.70
CA ALA A 41 9.53 6.60 3.11
C ALA A 41 8.27 6.80 3.94
N GLY A 42 7.71 5.69 4.44
CA GLY A 42 6.51 5.77 5.25
C GLY A 42 5.36 6.45 4.51
N CYS A 43 4.51 5.65 3.89
CA CYS A 43 3.37 6.18 3.14
C CYS A 43 2.78 7.38 3.85
N LYS A 44 3.00 8.56 3.29
CA LYS A 44 2.49 9.78 3.88
C LYS A 44 0.96 9.70 3.95
N GLY A 45 0.38 8.99 2.98
CA GLY A 45 -1.05 8.83 2.93
C GLY A 45 -1.61 8.98 1.53
N ASP A 46 -1.11 9.98 0.81
CA ASP A 46 -1.57 10.22 -0.55
C ASP A 46 -0.66 9.47 -1.53
N CYS A 47 -0.25 8.27 -1.11
CA CYS A 47 0.62 7.44 -1.92
C CYS A 47 -0.02 7.11 -3.26
N LYS A 48 -1.29 6.74 -3.21
CA LYS A 48 -2.02 6.40 -4.42
C LYS A 48 -1.48 5.09 -4.99
N CYS A 49 -1.00 4.24 -4.08
CA CYS A 49 -0.46 2.94 -4.47
C CYS A 49 -1.45 2.15 -5.30
N ALA A 50 -0.98 1.07 -5.92
CA ALA A 50 -1.83 0.22 -6.75
C ALA A 50 -1.87 -1.20 -6.21
N ASN A 51 -0.81 -1.60 -5.51
CA ASN A 51 -0.72 -2.94 -4.94
C ASN A 51 -1.44 -3.01 -3.60
N CYS A 52 -1.32 -1.95 -2.81
CA CYS A 52 -1.95 -1.90 -1.50
C CYS A 52 -3.27 -1.13 -1.57
N HIS A 53 -3.56 -0.56 -2.73
CA HIS A 53 -4.79 0.18 -2.92
C HIS A 53 -4.82 1.37 -1.95
N CYS A 54 -3.80 2.21 -2.05
CA CYS A 54 -3.68 3.38 -1.18
C CYS A 54 -4.36 4.59 -1.82
N ALA A 55 -4.92 5.46 -0.98
CA ALA A 55 -5.60 6.65 -1.46
C ALA A 55 -5.85 7.63 -0.33
N GLU A 56 -4.88 8.52 -0.08
CA GLU A 56 -5.02 9.50 0.97
C GLU A 56 -5.42 8.82 2.29
N GLN A 57 -4.66 7.79 2.65
CA GLN A 57 -4.92 7.04 3.86
C GLN A 57 -6.20 6.23 3.75
N LYS A 58 -6.19 5.22 2.89
CA LYS A 58 -7.37 4.40 2.69
C LYS A 58 -7.00 2.94 2.97
N GLN A 59 -8.04 2.11 3.08
CA GLN A 59 -7.86 0.69 3.36
C GLN A 59 -8.78 -0.16 2.48
N CYS A 60 -8.74 -1.47 2.69
CA CYS A 60 -9.57 -2.39 1.91
C CYS A 60 -9.92 -3.62 2.73
N GLY A 61 -8.99 -4.57 2.80
CA GLY A 61 -9.23 -5.79 3.54
C GLY A 61 -10.57 -6.42 3.24
N ASP A 62 -11.09 -6.15 2.04
CA ASP A 62 -12.37 -6.70 1.64
C ASP A 62 -12.17 -8.10 1.07
N LYS A 63 -13.18 -8.94 1.28
CA LYS A 63 -13.12 -10.31 0.79
C LYS A 63 -13.45 -10.32 -0.70
N THR A 64 -12.56 -9.70 -1.47
CA THR A 64 -12.72 -9.63 -2.92
C THR A 64 -11.38 -9.66 -3.63
N HIS A 65 -10.45 -8.84 -3.17
CA HIS A 65 -9.12 -8.79 -3.76
C HIS A 65 -8.29 -9.97 -3.27
N GLN A 66 -7.00 -9.91 -3.57
CA GLN A 66 -6.07 -10.96 -3.18
C GLN A 66 -5.39 -10.61 -1.86
N HIS A 67 -5.95 -9.64 -1.14
CA HIS A 67 -5.40 -9.22 0.13
C HIS A 67 -5.18 -10.40 1.06
N GLN A 68 -3.92 -10.80 1.23
CA GLN A 68 -3.59 -11.93 2.09
C GLN A 68 -3.44 -11.48 3.54
N GLY A 69 -4.41 -11.87 4.38
CA GLY A 69 -4.36 -11.49 5.78
C GLY A 69 -4.17 -12.68 6.69
ZN ZN B . 2.69 1.71 2.70
ZN ZN C . 2.32 3.90 0.06
ZN ZN D . 0.78 0.83 0.95
ZN ZN E . -8.20 -3.54 -1.94
N GLU A 26 8.46 -1.23 9.46
CA GLU A 26 9.84 -0.84 9.21
C GLU A 26 10.11 -0.71 7.72
N LYS A 27 10.71 0.41 7.35
CA LYS A 27 11.03 0.67 5.95
C LYS A 27 9.80 0.34 5.09
N TYR A 28 10.05 0.21 3.80
CA TYR A 28 8.99 -0.09 2.84
C TYR A 28 8.48 -1.51 3.03
N CYS A 29 7.23 -1.75 2.66
CA CYS A 29 6.62 -3.07 2.79
C CYS A 29 5.86 -3.45 1.51
N CYS A 30 6.12 -2.70 0.44
CA CYS A 30 5.46 -2.95 -0.84
C CYS A 30 6.41 -3.64 -1.81
N GLU A 31 5.84 -4.36 -2.77
CA GLU A 31 6.65 -5.06 -3.75
C GLU A 31 6.75 -4.23 -5.04
N GLU A 32 7.21 -3.01 -4.88
CA GLU A 32 7.36 -2.11 -6.02
C GLU A 32 8.08 -0.83 -5.60
N ALA A 33 7.73 -0.36 -4.39
CA ALA A 33 8.33 0.85 -3.84
C ALA A 33 9.83 0.67 -3.63
N SER A 34 10.18 -0.02 -2.54
CA SER A 34 11.59 -0.25 -2.22
C SER A 34 12.32 1.06 -1.97
N GLU A 35 11.55 2.14 -1.81
CA GLU A 35 12.14 3.45 -1.56
C GLU A 35 11.04 4.50 -1.41
N LYS A 36 10.52 4.94 -2.54
CA LYS A 36 9.46 5.93 -2.55
C LYS A 36 8.75 5.92 -3.90
N LYS A 37 8.80 4.77 -4.54
CA LYS A 37 8.17 4.62 -5.84
C LYS A 37 6.65 4.76 -5.70
N CYS A 38 6.16 4.37 -4.52
CA CYS A 38 4.74 4.44 -4.22
C CYS A 38 4.51 5.02 -2.82
N CYS A 39 5.32 4.59 -1.87
CA CYS A 39 5.20 5.06 -0.49
C CYS A 39 6.58 5.33 0.10
N PRO A 40 6.73 6.52 0.71
CA PRO A 40 7.98 6.93 1.35
C PRO A 40 8.30 6.13 2.60
N ALA A 41 8.74 4.89 2.41
CA ALA A 41 9.08 4.02 3.53
C ALA A 41 7.91 3.89 4.51
N GLY A 42 7.10 2.85 4.32
CA GLY A 42 5.96 2.63 5.19
C GLY A 42 4.83 3.61 4.90
N CYS A 43 3.89 3.19 4.07
CA CYS A 43 2.75 4.02 3.71
C CYS A 43 2.31 4.86 4.90
N LYS A 44 2.60 6.16 4.83
CA LYS A 44 2.23 7.07 5.91
C LYS A 44 0.70 7.17 5.98
N GLY A 45 0.08 7.13 4.81
CA GLY A 45 -1.36 7.23 4.73
C GLY A 45 -1.84 7.56 3.33
N ASP A 46 -1.42 8.70 2.81
CA ASP A 46 -1.81 9.12 1.47
C ASP A 46 -0.76 8.65 0.46
N CYS A 47 -0.24 7.46 0.71
CA CYS A 47 0.77 6.88 -0.17
C CYS A 47 0.16 6.41 -1.48
N LYS A 48 -1.02 5.81 -1.39
CA LYS A 48 -1.70 5.32 -2.58
C LYS A 48 -0.98 4.08 -3.10
N CYS A 49 -0.65 3.19 -2.17
CA CYS A 49 0.05 1.95 -2.51
C CYS A 49 -0.72 1.17 -3.58
N ALA A 50 -0.10 0.10 -4.07
CA ALA A 50 -0.72 -0.73 -5.10
C ALA A 50 -0.79 -2.19 -4.65
N ASN A 51 0.16 -2.59 -3.80
CA ASN A 51 0.20 -3.96 -3.30
C ASN A 51 -0.85 -4.18 -2.23
N CYS A 52 -1.03 -3.20 -1.36
CA CYS A 52 -2.01 -3.29 -0.29
C CYS A 52 -3.27 -2.50 -0.63
N HIS A 53 -3.21 -1.76 -1.72
CA HIS A 53 -4.36 -0.96 -2.14
C HIS A 53 -4.61 0.15 -1.12
N CYS A 54 -3.53 0.78 -0.69
CA CYS A 54 -3.60 1.86 0.28
C CYS A 54 -4.20 3.12 -0.35
N ALA A 55 -4.86 3.94 0.48
CA ALA A 55 -5.48 5.17 0.00
C ALA A 55 -5.87 6.06 1.17
N GLU A 56 -4.99 7.00 1.50
CA GLU A 56 -5.25 7.92 2.59
C GLU A 56 -5.66 7.15 3.85
N GLN A 57 -4.79 6.23 4.24
CA GLN A 57 -5.04 5.40 5.41
C GLN A 57 -6.16 4.40 5.15
N LYS A 58 -5.93 3.47 4.24
CA LYS A 58 -6.93 2.48 3.91
C LYS A 58 -6.23 1.15 3.61
N GLN A 59 -7.02 0.08 3.62
CA GLN A 59 -6.51 -1.26 3.35
C GLN A 59 -7.40 -1.99 2.35
N CYS A 60 -8.42 -1.30 1.85
CA CYS A 60 -9.35 -1.89 0.89
C CYS A 60 -10.29 -2.86 1.58
N GLY A 61 -9.74 -3.95 2.11
CA GLY A 61 -10.55 -4.94 2.79
C GLY A 61 -11.73 -5.39 1.95
N ASP A 62 -11.59 -5.29 0.64
CA ASP A 62 -12.67 -5.70 -0.26
C ASP A 62 -12.63 -7.22 -0.44
N LYS A 63 -13.81 -7.82 -0.37
CA LYS A 63 -13.93 -9.25 -0.52
C LYS A 63 -13.36 -9.67 -1.88
N THR A 64 -13.43 -8.73 -2.83
CA THR A 64 -12.93 -8.98 -4.18
C THR A 64 -11.52 -9.52 -4.15
N HIS A 65 -10.76 -9.14 -3.13
CA HIS A 65 -9.39 -9.59 -3.01
C HIS A 65 -9.29 -10.61 -1.87
N GLN A 66 -8.06 -11.06 -1.61
CA GLN A 66 -7.81 -12.03 -0.57
C GLN A 66 -7.41 -11.33 0.73
N HIS A 67 -7.76 -10.06 0.85
CA HIS A 67 -7.43 -9.28 2.03
C HIS A 67 -7.88 -10.00 3.31
N GLN A 68 -7.02 -9.96 4.33
CA GLN A 68 -7.33 -10.62 5.59
C GLN A 68 -6.42 -10.11 6.70
N GLY A 69 -6.74 -8.92 7.22
CA GLY A 69 -5.94 -8.34 8.28
C GLY A 69 -5.72 -6.86 8.09
ZN ZN B . 3.28 0.38 2.11
ZN ZN C . 2.46 2.13 0.34
ZN ZN D . 0.60 -0.47 2.06
ZN ZN E . -7.99 -4.31 -2.32
#